data_5WH1
#
_entry.id   5WH1
#
_cell.length_a   108.165
_cell.length_b   126.461
_cell.length_c   158.430
_cell.angle_alpha   90.00
_cell.angle_beta   90.00
_cell.angle_gamma   90.00
#
_symmetry.space_group_name_H-M   'P 21 21 21'
#
loop_
_entity.id
_entity.type
_entity.pdbx_description
1 polymer 'Transcription initiation factor IIB'
2 non-polymer 'SULFATE ION'
#
_entity_poly.entity_id   1
_entity_poly.type   'polypeptide(L)'
_entity_poly.pdbx_seq_one_letter_code
;SMSSSDRAMMNAFKEITTMADRINLPRNIVDRTNNLFKQVYEQKSLKGRANDAIASACLYIACRQEGVPRTFKEICAVSR
ISKKEIGRCFKLILKALETSVDLITTGDFMSRFCSNLCLPKQVQMAATHIARKAVELDLVPGRSPISVAAAAIYMASQAS
AEKRTQKEIGDIAGVADVTIRQSYRLIYPRAPDLFPTDFKFDTPVDKLPQL
;
_entity_poly.pdbx_strand_id   A,B,C,D
#
loop_
_chem_comp.id
_chem_comp.type
_chem_comp.name
_chem_comp.formula
SO4 non-polymer 'SULFATE ION' 'O4 S -2'
#
# COMPACT_ATOMS: atom_id res chain seq x y z
N SER A 3 -36.44 21.28 -26.25
CA SER A 3 -36.81 21.22 -24.83
C SER A 3 -36.55 22.57 -24.16
N SER A 4 -37.28 22.89 -23.08
CA SER A 4 -37.10 24.15 -22.33
C SER A 4 -35.71 24.19 -21.67
N SER A 5 -35.23 23.01 -21.21
CA SER A 5 -33.90 22.82 -20.61
C SER A 5 -32.79 22.89 -21.68
N ASP A 6 -33.09 22.42 -22.91
CA ASP A 6 -32.17 22.40 -24.05
C ASP A 6 -32.07 23.77 -24.74
N ARG A 7 -33.19 24.52 -24.83
CA ARG A 7 -33.23 25.87 -25.42
C ARG A 7 -32.39 26.82 -24.55
N ALA A 8 -32.44 26.62 -23.21
CA ALA A 8 -31.65 27.38 -22.22
C ALA A 8 -30.16 27.19 -22.47
N MET A 9 -29.76 25.93 -22.77
CA MET A 9 -28.41 25.50 -23.07
C MET A 9 -27.92 26.03 -24.41
N MET A 10 -28.71 25.88 -25.49
CA MET A 10 -28.37 26.35 -26.83
C MET A 10 -28.07 27.87 -26.81
N ASN A 11 -28.88 28.63 -26.07
CA ASN A 11 -28.75 30.08 -25.88
C ASN A 11 -27.55 30.48 -25.03
N ALA A 12 -27.28 29.69 -24.00
CA ALA A 12 -26.15 29.92 -23.14
C ALA A 12 -24.84 29.67 -23.88
N PHE A 13 -24.76 28.60 -24.71
CA PHE A 13 -23.58 28.26 -25.50
C PHE A 13 -23.33 29.30 -26.55
N LYS A 14 -24.42 29.85 -27.14
CA LYS A 14 -24.41 30.94 -28.13
C LYS A 14 -23.76 32.16 -27.46
N GLU A 15 -24.15 32.44 -26.21
CA GLU A 15 -23.65 33.55 -25.40
C GLU A 15 -22.17 33.38 -25.04
N ILE A 16 -21.78 32.16 -24.65
CA ILE A 16 -20.40 31.78 -24.31
C ILE A 16 -19.51 32.09 -25.51
N THR A 17 -19.90 31.63 -26.71
CA THR A 17 -19.15 31.82 -27.94
C THR A 17 -19.05 33.29 -28.32
N THR A 18 -20.17 34.05 -28.27
CA THR A 18 -20.17 35.48 -28.63
C THR A 18 -19.32 36.32 -27.64
N MET A 19 -19.19 35.87 -26.37
CA MET A 19 -18.37 36.55 -25.37
C MET A 19 -16.91 36.23 -25.60
N ALA A 20 -16.60 34.94 -25.87
CA ALA A 20 -15.26 34.42 -26.13
C ALA A 20 -14.60 35.05 -27.35
N ASP A 21 -15.36 35.28 -28.44
CA ASP A 21 -14.82 35.93 -29.64
C ASP A 21 -14.60 37.38 -29.37
N ARG A 22 -15.44 37.98 -28.49
CA ARG A 22 -15.35 39.40 -28.10
C ARG A 22 -14.05 39.72 -27.30
N ILE A 23 -13.44 38.71 -26.65
CA ILE A 23 -12.18 38.89 -25.93
C ILE A 23 -11.07 37.99 -26.52
N ASN A 24 -11.24 37.59 -27.80
CA ASN A 24 -10.32 36.75 -28.60
C ASN A 24 -9.81 35.49 -27.88
N LEU A 25 -10.71 34.70 -27.29
CA LEU A 25 -10.31 33.49 -26.57
C LEU A 25 -10.22 32.27 -27.46
N PRO A 26 -9.34 31.27 -27.16
CA PRO A 26 -9.26 30.07 -28.02
C PRO A 26 -10.44 29.10 -27.84
N ARG A 27 -10.56 28.09 -28.74
CA ARG A 27 -11.64 27.11 -28.68
C ARG A 27 -11.60 26.26 -27.44
N ASN A 28 -10.39 25.86 -26.99
CA ASN A 28 -10.23 25.04 -25.77
C ASN A 28 -10.89 25.66 -24.56
N ILE A 29 -10.80 27.00 -24.45
CA ILE A 29 -11.41 27.80 -23.38
C ILE A 29 -12.93 27.72 -23.51
N VAL A 30 -13.46 27.85 -24.74
CA VAL A 30 -14.90 27.78 -25.03
C VAL A 30 -15.41 26.40 -24.62
N ASP A 31 -14.72 25.34 -25.08
CA ASP A 31 -15.08 23.96 -24.81
C ASP A 31 -15.14 23.69 -23.32
N ARG A 32 -14.12 24.15 -22.59
CA ARG A 32 -14.05 24.01 -21.15
C ARG A 32 -15.23 24.72 -20.47
N THR A 33 -15.58 25.93 -20.95
CA THR A 33 -16.68 26.75 -20.41
C THR A 33 -18.03 26.05 -20.57
N ASN A 34 -18.31 25.51 -21.78
CA ASN A 34 -19.56 24.82 -22.08
C ASN A 34 -19.71 23.63 -21.14
N ASN A 35 -18.66 22.77 -21.05
CA ASN A 35 -18.64 21.60 -20.18
C ASN A 35 -18.96 21.97 -18.73
N LEU A 36 -18.26 22.99 -18.23
CA LEU A 36 -18.36 23.54 -16.89
C LEU A 36 -19.77 24.05 -16.60
N PHE A 37 -20.38 24.72 -17.62
CA PHE A 37 -21.72 25.27 -17.56
C PHE A 37 -22.73 24.14 -17.40
N LYS A 38 -22.74 23.18 -18.35
CA LYS A 38 -23.61 21.98 -18.34
C LYS A 38 -23.59 21.38 -16.93
N GLN A 39 -22.37 21.17 -16.41
CA GLN A 39 -22.10 20.61 -15.11
C GLN A 39 -22.79 21.35 -13.99
N VAL A 40 -22.82 22.70 -14.03
CA VAL A 40 -23.32 23.42 -12.86
C VAL A 40 -24.70 24.09 -13.00
N TYR A 41 -25.01 24.69 -14.16
CA TYR A 41 -26.20 25.50 -14.43
C TYR A 41 -27.53 25.03 -13.82
N GLU A 42 -27.68 23.73 -13.58
CA GLU A 42 -28.92 23.24 -12.96
C GLU A 42 -28.61 22.48 -11.68
N GLN A 43 -28.22 23.20 -10.61
CA GLN A 43 -27.88 22.53 -9.36
C GLN A 43 -27.98 23.27 -8.01
N LYS A 44 -29.16 23.23 -7.39
CA LYS A 44 -29.35 23.77 -6.06
C LYS A 44 -29.25 25.29 -6.03
N SER A 45 -28.05 25.77 -5.73
CA SER A 45 -27.67 27.15 -5.54
C SER A 45 -27.92 28.06 -6.71
N LEU A 46 -27.70 27.56 -7.94
CA LEU A 46 -27.86 28.32 -9.16
C LEU A 46 -29.30 28.35 -9.71
N LYS A 47 -30.28 28.02 -8.84
CA LYS A 47 -31.69 28.12 -9.21
C LYS A 47 -32.08 29.58 -9.02
N GLY A 48 -32.79 30.12 -10.01
CA GLY A 48 -33.22 31.51 -10.01
C GLY A 48 -32.17 32.47 -10.55
N ARG A 49 -30.89 32.04 -10.51
CA ARG A 49 -29.74 32.81 -11.00
C ARG A 49 -29.75 32.76 -12.53
N ALA A 50 -29.58 33.94 -13.16
CA ALA A 50 -29.59 34.12 -14.62
C ALA A 50 -28.54 33.25 -15.31
N ASN A 51 -28.95 32.54 -16.38
CA ASN A 51 -28.07 31.65 -17.17
C ASN A 51 -26.89 32.40 -17.76
N ASP A 52 -27.15 33.62 -18.21
CA ASP A 52 -26.25 34.60 -18.81
C ASP A 52 -25.08 34.85 -17.84
N ALA A 53 -25.42 35.04 -16.53
CA ALA A 53 -24.49 35.28 -15.44
C ALA A 53 -23.71 34.02 -15.10
N ILE A 54 -24.38 32.84 -15.12
CA ILE A 54 -23.74 31.54 -14.86
C ILE A 54 -22.63 31.34 -15.90
N ALA A 55 -22.99 31.47 -17.20
CA ALA A 55 -22.07 31.35 -18.35
C ALA A 55 -20.88 32.29 -18.22
N SER A 56 -21.11 33.56 -17.84
CA SER A 56 -20.06 34.58 -17.65
C SER A 56 -19.07 34.11 -16.58
N ALA A 57 -19.57 33.66 -15.39
CA ALA A 57 -18.76 33.15 -14.29
C ALA A 57 -17.98 31.89 -14.70
N CYS A 58 -18.63 31.00 -15.51
CA CYS A 58 -18.06 29.77 -16.04
C CYS A 58 -16.91 30.09 -16.97
N LEU A 59 -17.03 31.17 -17.77
CA LEU A 59 -15.99 31.62 -18.69
C LEU A 59 -14.79 32.11 -17.90
N TYR A 60 -15.00 32.91 -16.85
CA TYR A 60 -13.94 33.40 -15.97
C TYR A 60 -13.20 32.25 -15.30
N ILE A 61 -13.93 31.22 -14.83
CA ILE A 61 -13.36 30.03 -14.19
C ILE A 61 -12.45 29.29 -15.17
N ALA A 62 -12.97 28.96 -16.37
CA ALA A 62 -12.25 28.27 -17.44
C ALA A 62 -10.97 29.01 -17.82
N CYS A 63 -11.02 30.35 -17.77
CA CYS A 63 -9.89 31.23 -18.03
C CYS A 63 -8.85 31.07 -16.95
N ARG A 64 -9.28 31.18 -15.68
CA ARG A 64 -8.43 31.06 -14.51
C ARG A 64 -7.71 29.73 -14.53
N GLN A 65 -8.50 28.65 -14.76
CA GLN A 65 -8.11 27.23 -14.82
C GLN A 65 -7.01 26.95 -15.83
N GLU A 66 -7.11 27.54 -17.03
CA GLU A 66 -6.15 27.35 -18.12
C GLU A 66 -5.15 28.51 -18.28
N GLY A 67 -4.98 29.23 -17.19
CA GLY A 67 -3.99 30.27 -17.04
C GLY A 67 -4.00 31.42 -18.00
N VAL A 68 -5.20 31.90 -18.39
CA VAL A 68 -5.27 33.15 -19.16
C VAL A 68 -5.64 34.27 -18.11
N PRO A 69 -4.73 35.15 -17.62
CA PRO A 69 -5.10 35.96 -16.43
C PRO A 69 -5.83 37.28 -16.65
N ARG A 70 -5.91 38.07 -15.54
CA ARG A 70 -6.49 39.44 -15.37
C ARG A 70 -7.80 39.69 -16.19
N THR A 71 -8.73 38.77 -16.00
CA THR A 71 -10.00 38.69 -16.70
C THR A 71 -11.24 39.27 -15.99
N PHE A 72 -11.40 39.13 -14.68
CA PHE A 72 -12.60 39.48 -13.90
C PHE A 72 -13.34 40.67 -14.46
N LYS A 73 -12.67 41.82 -14.51
CA LYS A 73 -13.25 43.08 -15.00
C LYS A 73 -13.56 43.04 -16.51
N GLU A 74 -12.65 42.41 -17.26
CA GLU A 74 -12.69 42.26 -18.71
C GLU A 74 -13.89 41.42 -19.19
N ILE A 75 -14.28 40.37 -18.41
CA ILE A 75 -15.39 39.45 -18.66
C ILE A 75 -16.71 40.19 -18.47
N CYS A 76 -16.87 40.84 -17.29
CA CYS A 76 -18.08 41.60 -16.92
C CYS A 76 -18.39 42.70 -17.91
N ALA A 77 -17.33 43.21 -18.55
CA ALA A 77 -17.39 44.24 -19.57
C ALA A 77 -18.06 43.71 -20.85
N VAL A 78 -17.67 42.48 -21.31
CA VAL A 78 -18.21 41.82 -22.50
C VAL A 78 -19.59 41.14 -22.19
N SER A 79 -19.95 41.06 -20.90
CA SER A 79 -21.22 40.49 -20.47
C SER A 79 -22.28 41.58 -20.24
N ARG A 80 -23.56 41.21 -20.39
CA ARG A 80 -24.64 42.15 -20.12
C ARG A 80 -25.03 42.17 -18.63
N ILE A 81 -24.35 41.35 -17.83
CA ILE A 81 -24.58 41.20 -16.39
C ILE A 81 -23.57 42.02 -15.56
N SER A 82 -24.02 42.44 -14.35
CA SER A 82 -23.26 43.21 -13.36
C SER A 82 -22.14 42.37 -12.77
N LYS A 83 -21.05 43.03 -12.33
CA LYS A 83 -19.91 42.36 -11.68
C LYS A 83 -20.36 41.71 -10.35
N LYS A 84 -21.41 42.28 -9.73
CA LYS A 84 -22.01 41.83 -8.50
C LYS A 84 -22.70 40.48 -8.68
N GLU A 85 -23.53 40.32 -9.72
CA GLU A 85 -24.20 39.05 -9.98
C GLU A 85 -23.21 38.00 -10.51
N ILE A 86 -22.30 38.39 -11.44
CA ILE A 86 -21.28 37.46 -11.98
C ILE A 86 -20.41 36.95 -10.82
N GLY A 87 -20.01 37.85 -9.92
CA GLY A 87 -19.25 37.52 -8.73
C GLY A 87 -19.96 36.54 -7.82
N ARG A 88 -21.24 36.81 -7.51
CA ARG A 88 -22.09 35.96 -6.68
C ARG A 88 -22.23 34.56 -7.27
N CYS A 89 -22.45 34.48 -8.60
CA CYS A 89 -22.55 33.22 -9.36
C CYS A 89 -21.24 32.44 -9.24
N PHE A 90 -20.11 33.13 -9.44
CA PHE A 90 -18.76 32.57 -9.37
C PHE A 90 -18.48 31.86 -8.05
N LYS A 91 -18.78 32.52 -6.91
CA LYS A 91 -18.54 31.95 -5.58
C LYS A 91 -19.38 30.70 -5.37
N LEU A 92 -20.64 30.72 -5.85
CA LEU A 92 -21.58 29.61 -5.76
C LEU A 92 -21.07 28.40 -6.53
N ILE A 93 -20.44 28.64 -7.70
CA ILE A 93 -19.90 27.61 -8.57
C ILE A 93 -18.69 26.94 -7.91
N LEU A 94 -17.79 27.73 -7.28
CA LEU A 94 -16.64 27.17 -6.57
C LEU A 94 -17.11 26.23 -5.47
N LYS A 95 -18.13 26.66 -4.68
CA LYS A 95 -18.76 25.88 -3.61
C LYS A 95 -19.24 24.55 -4.17
N ALA A 96 -19.85 24.58 -5.37
CA ALA A 96 -20.36 23.40 -6.05
C ALA A 96 -19.22 22.46 -6.49
N LEU A 97 -18.17 23.04 -7.08
CA LEU A 97 -17.02 22.27 -7.55
C LEU A 97 -16.07 21.81 -6.44
N GLU A 98 -16.31 22.18 -5.16
CA GLU A 98 -15.31 21.90 -4.12
C GLU A 98 -15.93 21.42 -2.82
N THR A 99 -16.18 20.11 -2.78
CA THR A 99 -16.83 19.52 -1.62
C THR A 99 -15.76 18.84 -0.71
N SER A 100 -14.57 19.50 -0.65
CA SER A 100 -13.41 19.20 0.19
C SER A 100 -13.00 20.48 0.93
N VAL A 101 -12.67 20.40 2.26
CA VAL A 101 -12.25 21.55 3.12
C VAL A 101 -11.80 21.12 4.57
N ASP A 102 -12.30 21.81 5.67
CA ASP A 102 -11.84 21.66 7.08
C ASP A 102 -12.91 21.85 8.20
N LEU A 103 -12.88 20.98 9.20
CA LEU A 103 -13.84 21.06 10.30
C LEU A 103 -13.12 21.19 11.64
N GLY A 107 -11.49 17.98 13.67
CA GLY A 107 -11.17 16.63 13.25
C GLY A 107 -11.65 16.15 11.87
N ASP A 108 -11.67 17.06 10.86
CA ASP A 108 -11.97 16.70 9.46
C ASP A 108 -10.61 16.23 9.01
N PHE A 109 -9.59 16.93 9.54
CA PHE A 109 -8.15 16.74 9.43
C PHE A 109 -7.80 15.40 9.98
N MET A 110 -8.37 14.99 11.12
CA MET A 110 -8.12 13.69 11.72
C MET A 110 -8.42 12.61 10.69
N SER A 111 -9.59 12.70 10.05
CA SER A 111 -9.99 11.75 9.02
C SER A 111 -9.02 11.73 7.86
N ARG A 112 -8.63 12.91 7.35
CA ARG A 112 -7.70 13.00 6.24
C ARG A 112 -6.28 12.56 6.60
N PHE A 113 -5.65 13.23 7.57
CA PHE A 113 -4.28 12.96 8.02
C PHE A 113 -4.03 11.51 8.37
N CYS A 114 -4.97 10.84 9.02
CA CYS A 114 -4.80 9.45 9.39
C CYS A 114 -4.77 8.54 8.17
N SER A 115 -5.57 8.84 7.14
CA SER A 115 -5.60 8.10 5.86
C SER A 115 -4.26 8.32 5.12
N ASN A 116 -3.72 9.53 5.22
CA ASN A 116 -2.44 9.90 4.62
C ASN A 116 -1.28 9.24 5.39
N LEU A 117 -1.49 8.98 6.70
CA LEU A 117 -0.49 8.38 7.55
C LEU A 117 -0.63 6.88 7.68
N CYS A 118 -1.70 6.30 7.09
CA CYS A 118 -1.99 4.86 7.15
C CYS A 118 -2.19 4.42 8.60
N LEU A 119 -3.13 5.09 9.30
CA LEU A 119 -3.43 4.84 10.72
C LEU A 119 -4.80 4.17 10.97
N PRO A 120 -4.84 3.14 11.86
CA PRO A 120 -6.10 2.44 12.14
C PRO A 120 -7.21 3.28 12.75
N LYS A 121 -8.47 2.83 12.58
CA LYS A 121 -9.68 3.49 13.10
C LYS A 121 -9.50 3.84 14.56
N GLN A 122 -9.02 2.88 15.36
CA GLN A 122 -8.82 3.04 16.80
C GLN A 122 -7.83 4.16 17.13
N VAL A 123 -6.74 4.28 16.32
CA VAL A 123 -5.71 5.33 16.48
C VAL A 123 -6.32 6.70 16.16
N GLN A 124 -7.04 6.78 15.02
CA GLN A 124 -7.74 7.96 14.56
C GLN A 124 -8.73 8.42 15.61
N MET A 125 -9.58 7.50 16.11
CA MET A 125 -10.61 7.76 17.11
C MET A 125 -10.07 8.33 18.42
N ALA A 126 -8.95 7.75 18.91
CA ALA A 126 -8.27 8.16 20.14
C ALA A 126 -7.68 9.54 19.97
N ALA A 127 -7.01 9.79 18.81
CA ALA A 127 -6.41 11.09 18.48
C ALA A 127 -7.46 12.17 18.35
N THR A 128 -8.65 11.84 17.81
CA THR A 128 -9.77 12.78 17.71
C THR A 128 -10.27 13.06 19.12
N HIS A 129 -10.47 12.01 19.94
CA HIS A 129 -10.91 12.15 21.33
C HIS A 129 -9.98 13.05 22.15
N ILE A 130 -8.65 12.84 22.00
CA ILE A 130 -7.61 13.63 22.67
C ILE A 130 -7.75 15.11 22.28
N ALA A 131 -7.70 15.40 20.96
CA ALA A 131 -7.80 16.74 20.39
C ALA A 131 -9.06 17.47 20.87
N ARG A 132 -10.22 16.78 20.89
CA ARG A 132 -11.50 17.34 21.31
C ARG A 132 -11.52 17.68 22.78
N LYS A 133 -11.08 16.71 23.63
CA LYS A 133 -11.03 16.88 25.09
C LYS A 133 -10.07 18.03 25.49
N ALA A 134 -8.93 18.14 24.77
CA ALA A 134 -7.90 19.16 25.00
C ALA A 134 -8.50 20.55 24.89
N VAL A 135 -9.40 20.75 23.92
CA VAL A 135 -10.13 21.99 23.67
C VAL A 135 -11.13 22.20 24.81
N GLU A 136 -11.94 21.16 25.12
CA GLU A 136 -12.95 21.18 26.19
C GLU A 136 -12.35 21.65 27.53
N LEU A 137 -11.11 21.19 27.84
CA LEU A 137 -10.42 21.53 29.09
C LEU A 137 -9.56 22.77 28.97
N ASP A 138 -9.58 23.41 27.78
CA ASP A 138 -8.81 24.61 27.43
C ASP A 138 -7.32 24.41 27.71
N LEU A 139 -6.77 23.24 27.32
CA LEU A 139 -5.36 22.93 27.52
C LEU A 139 -4.58 23.59 26.39
N VAL A 140 -5.25 23.87 25.27
CA VAL A 140 -4.59 24.43 24.10
C VAL A 140 -5.26 25.73 23.59
N PRO A 141 -5.14 26.85 24.36
CA PRO A 141 -5.70 28.11 23.85
C PRO A 141 -4.73 28.79 22.90
N GLY A 142 -5.29 29.46 21.89
CA GLY A 142 -4.53 30.18 20.87
C GLY A 142 -3.62 29.30 20.03
N ARG A 143 -3.96 28.01 19.99
CA ARG A 143 -3.21 27.00 19.25
C ARG A 143 -3.93 26.63 17.98
N SER A 144 -3.15 26.61 16.88
CA SER A 144 -3.58 26.21 15.54
C SER A 144 -4.27 24.83 15.63
N PRO A 145 -5.56 24.70 15.24
CA PRO A 145 -6.24 23.39 15.31
C PRO A 145 -5.56 22.25 14.54
N ILE A 146 -4.73 22.59 13.56
CA ILE A 146 -3.95 21.66 12.75
C ILE A 146 -2.73 21.26 13.59
N SER A 147 -2.14 22.19 14.34
CA SER A 147 -1.00 21.89 15.24
C SER A 147 -1.45 20.99 16.40
N VAL A 148 -2.71 21.19 16.87
CA VAL A 148 -3.33 20.42 17.94
C VAL A 148 -3.59 19.00 17.45
N ALA A 149 -4.16 18.89 16.25
CA ALA A 149 -4.45 17.60 15.62
C ALA A 149 -3.16 16.79 15.39
N ALA A 150 -2.10 17.47 14.91
CA ALA A 150 -0.80 16.87 14.66
C ALA A 150 -0.24 16.29 15.94
N ALA A 151 -0.32 17.06 17.05
CA ALA A 151 0.13 16.64 18.37
C ALA A 151 -0.70 15.49 18.89
N ALA A 152 -2.05 15.54 18.66
CA ALA A 152 -3.00 14.51 19.10
C ALA A 152 -2.74 13.18 18.36
N ILE A 153 -2.40 13.26 17.04
CA ILE A 153 -2.02 12.12 16.18
C ILE A 153 -0.70 11.57 16.71
N TYR A 154 0.33 12.43 16.93
CA TYR A 154 1.61 12.01 17.48
C TYR A 154 1.42 11.29 18.80
N MET A 155 0.64 11.89 19.74
CA MET A 155 0.37 11.27 21.05
C MET A 155 -0.30 9.91 20.91
N ALA A 156 -1.43 9.82 20.17
CA ALA A 156 -2.13 8.57 19.99
C ALA A 156 -1.30 7.50 19.27
N SER A 157 -0.61 7.85 18.14
CA SER A 157 0.24 6.92 17.37
C SER A 157 1.41 6.39 18.20
N GLN A 158 1.97 7.21 19.09
CA GLN A 158 3.08 6.81 19.96
C GLN A 158 2.65 5.87 21.12
N ALA A 159 1.33 5.85 21.43
CA ALA A 159 0.73 5.01 22.46
C ALA A 159 0.23 3.72 21.85
N SER A 160 0.17 3.65 20.51
CA SER A 160 -0.27 2.48 19.76
C SER A 160 0.89 1.77 19.06
N ALA A 161 0.63 0.61 18.45
CA ALA A 161 1.66 -0.15 17.75
C ALA A 161 2.10 0.55 16.46
N GLU A 162 1.20 1.36 15.88
CA GLU A 162 1.39 2.08 14.62
C GLU A 162 2.02 3.45 14.92
N LYS A 163 3.27 3.42 15.40
CA LYS A 163 4.00 4.62 15.80
C LYS A 163 4.44 5.46 14.62
N ARG A 164 4.12 6.77 14.68
CA ARG A 164 4.46 7.78 13.67
C ARG A 164 5.43 8.85 14.22
N THR A 165 6.35 9.32 13.35
CA THR A 165 7.37 10.31 13.70
C THR A 165 6.91 11.76 13.54
N GLN A 166 7.57 12.65 14.27
CA GLN A 166 7.32 14.08 14.22
C GLN A 166 7.41 14.58 12.77
N LYS A 167 8.52 14.20 12.06
CA LYS A 167 8.81 14.59 10.67
C LYS A 167 7.64 14.32 9.74
N GLU A 168 7.23 13.04 9.66
CA GLU A 168 6.14 12.59 8.81
C GLU A 168 4.79 13.18 9.17
N ILE A 169 4.50 13.38 10.47
CA ILE A 169 3.24 14.01 10.86
C ILE A 169 3.26 15.46 10.34
N GLY A 170 4.39 16.15 10.53
CA GLY A 170 4.64 17.50 10.03
C GLY A 170 4.44 17.62 8.53
N ASP A 171 4.99 16.64 7.77
CA ASP A 171 4.89 16.54 6.32
C ASP A 171 3.44 16.48 5.88
N ILE A 172 2.65 15.62 6.54
CA ILE A 172 1.23 15.37 6.24
C ILE A 172 0.32 16.52 6.70
N ALA A 173 0.62 17.13 7.87
CA ALA A 173 -0.17 18.23 8.42
C ALA A 173 0.18 19.58 7.80
N GLY A 174 1.33 19.66 7.12
CA GLY A 174 1.84 20.88 6.49
C GLY A 174 2.29 21.92 7.49
N VAL A 175 2.64 21.46 8.71
CA VAL A 175 3.08 22.25 9.86
C VAL A 175 4.56 21.99 10.18
N ALA A 176 5.19 22.91 10.89
CA ALA A 176 6.60 22.74 11.28
C ALA A 176 6.69 21.87 12.51
N ASP A 177 7.76 21.07 12.60
CA ASP A 177 7.93 20.13 13.72
C ASP A 177 7.83 20.80 15.07
N VAL A 178 8.38 22.04 15.19
CA VAL A 178 8.35 22.84 16.42
C VAL A 178 6.95 23.04 16.91
N THR A 179 6.00 23.29 15.99
CA THR A 179 4.60 23.55 16.29
C THR A 179 3.93 22.30 16.90
N ILE A 180 4.27 21.09 16.39
CA ILE A 180 3.76 19.81 16.91
C ILE A 180 4.26 19.65 18.33
N ARG A 181 5.59 19.79 18.52
CA ARG A 181 6.27 19.71 19.80
C ARG A 181 5.59 20.58 20.81
N GLN A 182 5.44 21.88 20.50
CA GLN A 182 4.82 22.90 21.34
C GLN A 182 3.42 22.53 21.78
N SER A 183 2.54 22.18 20.81
CA SER A 183 1.17 21.79 21.09
C SER A 183 1.14 20.50 21.93
N TYR A 184 2.05 19.55 21.64
CA TYR A 184 2.18 18.29 22.36
C TYR A 184 2.59 18.54 23.79
N ARG A 185 3.52 19.48 24.01
CA ARG A 185 3.99 19.86 25.33
C ARG A 185 2.86 20.32 26.22
N LEU A 186 1.82 20.92 25.61
CA LEU A 186 0.64 21.41 26.32
C LEU A 186 -0.33 20.29 26.73
N ILE A 187 -0.48 19.28 25.88
CA ILE A 187 -1.40 18.17 26.15
C ILE A 187 -0.70 17.02 26.89
N TYR A 188 0.65 16.89 26.78
CA TYR A 188 1.44 15.85 27.45
C TYR A 188 1.08 15.69 28.93
N PRO A 189 0.99 16.77 29.75
CA PRO A 189 0.70 16.59 31.18
C PRO A 189 -0.60 15.91 31.50
N ARG A 190 -1.64 16.16 30.72
CA ARG A 190 -2.93 15.55 30.98
C ARG A 190 -3.22 14.32 30.11
N ALA A 191 -2.16 13.73 29.48
CA ALA A 191 -2.31 12.56 28.61
C ALA A 191 -3.17 11.41 29.17
N PRO A 192 -3.04 10.99 30.48
CA PRO A 192 -3.92 9.90 30.98
C PRO A 192 -5.43 10.19 30.94
N ASP A 193 -5.80 11.45 31.23
CA ASP A 193 -7.17 11.94 31.22
C ASP A 193 -7.68 12.11 29.78
N LEU A 194 -6.79 12.52 28.85
CA LEU A 194 -7.10 12.78 27.44
C LEU A 194 -7.43 11.56 26.60
N PHE A 195 -6.84 10.41 26.91
CA PHE A 195 -7.10 9.18 26.15
C PHE A 195 -8.50 8.61 26.46
N PRO A 196 -9.14 7.90 25.48
CA PRO A 196 -10.41 7.23 25.79
C PRO A 196 -10.12 6.08 26.77
N THR A 197 -10.99 5.90 27.78
CA THR A 197 -10.90 4.89 28.87
C THR A 197 -10.47 3.49 28.40
N ASP A 198 -11.24 2.96 27.45
CA ASP A 198 -11.08 1.66 26.82
C ASP A 198 -9.75 1.46 26.04
N PHE A 199 -9.01 2.56 25.70
CA PHE A 199 -7.78 2.49 24.91
C PHE A 199 -6.79 1.47 25.43
N LYS A 200 -6.34 0.57 24.51
CA LYS A 200 -5.38 -0.51 24.71
C LYS A 200 -3.99 0.00 24.31
N PHE A 201 -3.15 0.31 25.32
CA PHE A 201 -1.83 0.91 25.15
C PHE A 201 -0.71 -0.04 24.81
N ASP A 202 0.01 0.22 23.69
CA ASP A 202 1.21 -0.54 23.30
C ASP A 202 2.38 0.00 24.12
N THR A 203 2.36 1.31 24.39
CA THR A 203 3.32 2.02 25.21
C THR A 203 2.48 2.65 26.32
N PRO A 204 2.80 2.39 27.61
CA PRO A 204 1.98 2.97 28.69
C PRO A 204 1.99 4.50 28.70
N VAL A 205 0.89 5.10 29.18
CA VAL A 205 0.69 6.55 29.25
C VAL A 205 1.87 7.27 29.92
N ASP A 206 2.46 6.64 30.96
CA ASP A 206 3.60 7.14 31.71
C ASP A 206 4.86 7.18 30.83
N LYS A 207 5.14 6.06 30.12
CA LYS A 207 6.32 5.91 29.26
C LYS A 207 6.15 6.52 27.86
N LEU A 208 5.23 7.51 27.72
CA LEU A 208 4.99 8.23 26.47
C LEU A 208 6.15 9.21 26.25
N PRO A 209 6.53 9.53 24.97
CA PRO A 209 7.69 10.41 24.73
C PRO A 209 7.53 11.83 25.21
N GLN A 210 8.58 12.37 25.87
CA GLN A 210 8.59 13.76 26.34
C GLN A 210 9.27 14.62 25.31
N LEU A 211 8.60 15.69 24.85
CA LEU A 211 9.16 16.58 23.84
C LEU A 211 9.41 17.99 24.42
N MET B 2 37.79 -20.43 22.47
CA MET B 2 38.14 -20.45 23.89
C MET B 2 36.92 -20.71 24.79
N SER B 3 35.77 -20.06 24.50
CA SER B 3 34.49 -20.27 25.20
C SER B 3 34.00 -21.70 24.92
N SER B 4 33.18 -22.28 25.83
CA SER B 4 32.66 -23.64 25.66
C SER B 4 31.71 -23.70 24.46
N SER B 5 30.96 -22.60 24.24
CA SER B 5 30.04 -22.44 23.11
C SER B 5 30.83 -22.22 21.79
N ASP B 6 31.98 -21.54 21.88
CA ASP B 6 32.85 -21.22 20.74
C ASP B 6 33.71 -22.41 20.33
N ARG B 7 34.19 -23.22 21.31
CA ARG B 7 35.01 -24.42 21.05
C ARG B 7 34.16 -25.44 20.29
N ALA B 8 32.85 -25.52 20.64
CA ALA B 8 31.85 -26.39 19.99
C ALA B 8 31.73 -26.04 18.52
N MET B 9 31.69 -24.72 18.24
CA MET B 9 31.58 -24.13 16.92
C MET B 9 32.84 -24.32 16.09
N MET B 10 34.02 -24.01 16.66
CA MET B 10 35.31 -24.16 15.99
C MET B 10 35.51 -25.59 15.49
N ASN B 11 35.13 -26.56 16.33
CA ASN B 11 35.22 -27.99 16.05
C ASN B 11 34.20 -28.46 15.00
N ALA B 12 33.01 -27.89 15.07
CA ALA B 12 31.97 -28.21 14.11
C ALA B 12 32.34 -27.66 12.74
N PHE B 13 32.89 -26.42 12.65
CA PHE B 13 33.31 -25.80 11.38
C PHE B 13 34.45 -26.57 10.78
N LYS B 14 35.37 -27.09 11.63
CA LYS B 14 36.51 -27.93 11.25
C LYS B 14 35.95 -29.20 10.56
N GLU B 15 34.90 -29.78 11.16
CA GLU B 15 34.23 -30.98 10.66
C GLU B 15 33.49 -30.73 9.34
N ILE B 16 32.81 -29.60 9.24
CA ILE B 16 32.08 -29.15 8.03
C ILE B 16 33.07 -29.09 6.88
N THR B 17 34.21 -28.42 7.08
CA THR B 17 35.24 -28.26 6.05
C THR B 17 35.86 -29.60 5.65
N THR B 18 36.22 -30.46 6.62
CA THR B 18 36.82 -31.76 6.32
C THR B 18 35.83 -32.71 5.58
N MET B 19 34.52 -32.54 5.80
CA MET B 19 33.48 -33.32 5.10
C MET B 19 33.30 -32.80 3.70
N ALA B 20 33.25 -31.46 3.54
CA ALA B 20 33.08 -30.74 2.27
C ALA B 20 34.20 -31.02 1.28
N ASP B 21 35.46 -31.09 1.75
CA ASP B 21 36.58 -31.40 0.87
C ASP B 21 36.55 -32.87 0.50
N ARG B 22 36.01 -33.73 1.38
CA ARG B 22 35.88 -35.17 1.16
C ARG B 22 34.87 -35.51 0.03
N ILE B 23 33.92 -34.59 -0.25
CA ILE B 23 32.94 -34.76 -1.34
C ILE B 23 33.08 -33.64 -2.39
N ASN B 24 34.27 -32.99 -2.44
CA ASN B 24 34.67 -31.94 -3.39
C ASN B 24 33.66 -30.81 -3.54
N LEU B 25 33.17 -30.25 -2.43
CA LEU B 25 32.18 -29.16 -2.46
C LEU B 25 32.84 -27.77 -2.50
N PRO B 26 32.18 -26.76 -3.13
CA PRO B 26 32.79 -25.41 -3.18
C PRO B 26 32.68 -24.64 -1.85
N ARG B 27 33.38 -23.50 -1.75
CA ARG B 27 33.37 -22.70 -0.54
C ARG B 27 32.02 -22.10 -0.22
N ASN B 28 31.25 -21.67 -1.23
CA ASN B 28 29.90 -21.10 -1.02
C ASN B 28 28.99 -22.05 -0.25
N ILE B 29 29.11 -23.38 -0.53
CA ILE B 29 28.37 -24.44 0.15
C ILE B 29 28.81 -24.54 1.61
N VAL B 30 30.15 -24.44 1.86
CA VAL B 30 30.74 -24.48 3.20
C VAL B 30 30.23 -23.29 3.99
N ASP B 31 30.31 -22.08 3.40
CA ASP B 31 29.86 -20.84 4.03
C ASP B 31 28.39 -20.90 4.42
N ARG B 32 27.55 -21.40 3.51
CA ARG B 32 26.12 -21.59 3.75
C ARG B 32 25.89 -22.56 4.92
N THR B 33 26.67 -23.66 4.98
CA THR B 33 26.58 -24.70 6.02
C THR B 33 26.90 -24.14 7.40
N ASN B 34 28.02 -23.39 7.50
CA ASN B 34 28.46 -22.79 8.76
C ASN B 34 27.37 -21.86 9.28
N ASN B 35 26.87 -20.95 8.42
CA ASN B 35 25.82 -20.01 8.77
C ASN B 35 24.58 -20.71 9.31
N LEU B 36 24.16 -21.76 8.59
CA LEU B 36 23.01 -22.61 8.89
C LEU B 36 23.17 -23.32 10.23
N PHE B 37 24.41 -23.78 10.50
CA PHE B 37 24.77 -24.45 11.74
C PHE B 37 24.64 -23.48 12.91
N LYS B 38 25.35 -22.33 12.85
CA LYS B 38 25.29 -21.26 13.87
C LYS B 38 23.83 -20.99 14.24
N GLN B 39 23.00 -20.82 13.19
CA GLN B 39 21.58 -20.57 13.28
C GLN B 39 20.84 -21.60 14.09
N VAL B 40 21.16 -22.88 13.94
CA VAL B 40 20.33 -23.89 14.57
C VAL B 40 20.95 -24.63 15.78
N TYR B 41 22.24 -24.98 15.74
CA TYR B 41 22.93 -25.82 16.71
C TYR B 41 22.59 -25.61 18.19
N GLU B 42 22.28 -24.38 18.63
CA GLU B 42 22.00 -24.15 20.05
C GLU B 42 20.58 -24.48 20.47
N GLN B 43 19.61 -24.23 19.59
CA GLN B 43 18.17 -24.49 19.67
C GLN B 43 17.68 -25.61 20.60
N LYS B 44 16.51 -25.35 21.21
CA LYS B 44 15.69 -26.20 22.07
C LYS B 44 15.79 -27.70 21.71
N SER B 45 15.25 -28.08 20.53
CA SER B 45 15.19 -29.44 19.96
C SER B 45 16.53 -30.13 19.80
N LEU B 46 17.56 -29.36 19.37
CA LEU B 46 18.90 -29.87 19.11
C LEU B 46 19.80 -29.90 20.36
N LYS B 47 19.19 -29.86 21.54
CA LYS B 47 19.95 -29.99 22.78
C LYS B 47 20.15 -31.50 23.00
N GLY B 48 21.37 -31.88 23.36
CA GLY B 48 21.75 -33.27 23.57
C GLY B 48 22.12 -33.99 22.29
N ARG B 49 21.64 -33.48 21.12
CA ARG B 49 21.93 -34.02 19.79
C ARG B 49 23.37 -33.65 19.43
N ALA B 50 24.16 -34.65 18.96
CA ALA B 50 25.58 -34.50 18.61
C ALA B 50 25.81 -33.41 17.57
N ASN B 51 26.78 -32.51 17.84
CA ASN B 51 27.14 -31.38 16.96
C ASN B 51 27.56 -31.84 15.57
N ASP B 52 28.30 -32.96 15.55
CA ASP B 52 28.82 -33.68 14.40
C ASP B 52 27.66 -34.01 13.45
N ALA B 53 26.54 -34.54 14.03
CA ALA B 53 25.30 -34.91 13.33
C ALA B 53 24.55 -33.67 12.84
N ILE B 54 24.51 -32.59 13.67
CA ILE B 54 23.86 -31.34 13.31
C ILE B 54 24.54 -30.80 12.04
N ALA B 55 25.89 -30.67 12.08
CA ALA B 55 26.74 -30.22 10.97
C ALA B 55 26.51 -31.02 9.69
N SER B 56 26.43 -32.36 9.80
CA SER B 56 26.18 -33.27 8.69
C SER B 56 24.84 -32.94 8.02
N ALA B 57 23.76 -32.83 8.83
CA ALA B 57 22.41 -32.48 8.37
C ALA B 57 22.39 -31.08 7.72
N CYS B 58 23.15 -30.12 8.32
CA CYS B 58 23.30 -28.75 7.83
C CYS B 58 23.96 -28.72 6.48
N LEU B 59 24.96 -29.61 6.25
CA LEU B 59 25.66 -29.73 4.99
C LEU B 59 24.71 -30.22 3.91
N TYR B 60 23.90 -31.26 4.22
CA TYR B 60 22.91 -31.80 3.31
C TYR B 60 21.88 -30.74 2.92
N ILE B 61 21.42 -29.94 3.89
CA ILE B 61 20.45 -28.87 3.67
C ILE B 61 21.02 -27.83 2.70
N ALA B 62 22.23 -27.32 2.98
CA ALA B 62 22.94 -26.34 2.15
C ALA B 62 23.12 -26.82 0.70
N CYS B 63 23.34 -28.14 0.56
CA CYS B 63 23.46 -28.80 -0.73
C CYS B 63 22.15 -28.78 -1.46
N ARG B 64 21.06 -29.22 -0.79
CA ARG B 64 19.70 -29.25 -1.32
C ARG B 64 19.29 -27.88 -1.77
N GLN B 65 19.51 -26.87 -0.92
CA GLN B 65 19.21 -25.45 -1.09
C GLN B 65 19.81 -24.85 -2.35
N GLU B 66 21.07 -25.19 -2.64
CA GLU B 66 21.78 -24.65 -3.79
C GLU B 66 21.87 -25.64 -4.97
N GLY B 67 20.96 -26.61 -4.96
CA GLY B 67 20.80 -27.60 -6.01
C GLY B 67 21.98 -28.46 -6.38
N VAL B 68 22.79 -28.88 -5.39
CA VAL B 68 23.90 -29.80 -5.69
C VAL B 68 23.38 -31.22 -5.34
N PRO B 69 23.47 -32.12 -6.33
CA PRO B 69 22.73 -33.40 -6.28
C PRO B 69 23.21 -34.60 -5.46
N ARG B 70 22.27 -35.62 -5.43
CA ARG B 70 22.28 -37.02 -4.89
C ARG B 70 23.12 -37.20 -3.63
N THR B 71 22.81 -36.37 -2.65
CA THR B 71 23.65 -36.26 -1.47
C THR B 71 23.30 -37.11 -0.23
N PHE B 72 22.05 -37.27 0.19
CA PHE B 72 21.63 -37.91 1.45
C PHE B 72 22.55 -39.05 1.89
N LYS B 73 22.65 -40.07 1.05
CA LYS B 73 23.48 -41.23 1.31
C LYS B 73 24.98 -40.91 1.29
N GLU B 74 25.36 -40.06 0.33
CA GLU B 74 26.74 -39.61 0.09
C GLU B 74 27.33 -38.84 1.30
N ILE B 75 26.50 -38.04 2.00
CA ILE B 75 26.85 -37.23 3.18
C ILE B 75 27.10 -38.13 4.36
N CYS B 76 26.14 -39.03 4.67
CA CYS B 76 26.22 -39.96 5.80
C CYS B 76 27.44 -40.86 5.71
N ALA B 77 27.88 -41.11 4.46
CA ALA B 77 29.05 -41.90 4.13
C ALA B 77 30.34 -41.19 4.58
N VAL B 78 30.45 -39.85 4.31
CA VAL B 78 31.61 -39.02 4.69
C VAL B 78 31.53 -38.58 6.17
N SER B 79 30.38 -38.81 6.81
CA SER B 79 30.18 -38.49 8.21
C SER B 79 30.45 -39.69 9.12
N ARG B 80 30.84 -39.39 10.36
CA ARG B 80 31.13 -40.37 11.42
C ARG B 80 29.82 -40.83 12.10
N ILE B 81 28.70 -40.18 11.73
CA ILE B 81 27.37 -40.42 12.29
C ILE B 81 26.49 -41.30 11.38
N SER B 82 25.53 -42.03 12.00
CA SER B 82 24.56 -42.91 11.36
C SER B 82 23.55 -42.11 10.54
N LYS B 83 22.97 -42.72 9.48
CA LYS B 83 21.94 -42.08 8.66
C LYS B 83 20.67 -41.81 9.51
N LYS B 84 20.46 -42.64 10.55
CA LYS B 84 19.36 -42.56 11.51
C LYS B 84 19.44 -41.26 12.33
N GLU B 85 20.62 -40.96 12.92
CA GLU B 85 20.79 -39.74 13.70
C GLU B 85 20.85 -38.51 12.80
N ILE B 86 21.58 -38.57 11.66
CA ILE B 86 21.65 -37.45 10.69
C ILE B 86 20.24 -37.11 10.21
N GLY B 87 19.46 -38.15 9.89
CA GLY B 87 18.07 -38.02 9.47
C GLY B 87 17.20 -37.33 10.50
N ARG B 88 17.29 -37.81 11.78
CA ARG B 88 16.54 -37.25 12.92
C ARG B 88 16.86 -35.78 13.13
N CYS B 89 18.18 -35.43 13.06
CA CYS B 89 18.69 -34.07 13.17
C CYS B 89 18.11 -33.21 12.08
N PHE B 90 18.15 -33.69 10.82
CA PHE B 90 17.64 -33.01 9.63
C PHE B 90 16.19 -32.59 9.77
N LYS B 91 15.30 -33.50 10.22
CA LYS B 91 13.88 -33.20 10.37
C LYS B 91 13.66 -32.12 11.43
N LEU B 92 14.43 -32.20 12.53
CA LEU B 92 14.38 -31.24 13.65
C LEU B 92 14.78 -29.86 13.18
N ILE B 93 15.78 -29.77 12.26
CA ILE B 93 16.30 -28.52 11.72
C ILE B 93 15.24 -27.85 10.85
N LEU B 94 14.56 -28.62 10.00
CA LEU B 94 13.50 -28.06 9.16
C LEU B 94 12.44 -27.43 10.02
N LYS B 95 11.99 -28.17 11.07
CA LYS B 95 10.99 -27.73 12.07
C LYS B 95 11.44 -26.41 12.68
N ALA B 96 12.73 -26.30 13.02
CA ALA B 96 13.32 -25.11 13.63
C ALA B 96 13.32 -23.94 12.67
N LEU B 97 13.69 -24.19 11.42
CA LEU B 97 13.76 -23.13 10.43
C LEU B 97 12.38 -22.66 9.93
N GLU B 98 11.29 -23.42 10.19
CA GLU B 98 10.05 -23.04 9.55
C GLU B 98 8.78 -23.22 10.35
N THR B 99 8.64 -24.31 11.13
CA THR B 99 7.42 -24.60 11.92
C THR B 99 7.36 -23.79 13.23
N SER B 100 8.42 -22.97 13.48
CA SER B 100 8.57 -22.12 14.65
C SER B 100 8.27 -20.66 14.22
N VAL B 101 7.85 -20.55 12.94
CA VAL B 101 7.56 -19.27 12.37
C VAL B 101 6.17 -19.28 11.72
N ASP B 102 5.91 -20.17 10.70
CA ASP B 102 4.63 -20.30 9.95
C ASP B 102 3.93 -21.68 10.07
N LEU B 103 2.61 -21.65 10.40
CA LEU B 103 1.87 -22.86 10.62
C LEU B 103 0.35 -22.76 10.41
N ILE B 104 -0.42 -23.44 11.31
CA ILE B 104 -1.82 -23.76 11.12
C ILE B 104 -2.79 -23.69 12.35
N THR B 105 -2.64 -22.72 13.27
CA THR B 105 -3.57 -22.52 14.41
C THR B 105 -4.99 -22.10 13.96
N THR B 106 -5.97 -22.32 14.91
CA THR B 106 -7.41 -21.95 14.91
C THR B 106 -7.37 -20.45 14.63
N GLY B 107 -7.34 -20.09 13.34
CA GLY B 107 -7.19 -18.68 12.97
C GLY B 107 -5.77 -18.10 13.05
N ASP B 108 -4.76 -18.88 12.62
CA ASP B 108 -3.38 -18.40 12.46
C ASP B 108 -3.49 -17.79 11.09
N PHE B 109 -4.30 -18.47 10.24
CA PHE B 109 -4.72 -18.18 8.89
C PHE B 109 -5.45 -16.87 8.88
N MET B 110 -6.35 -16.64 9.86
CA MET B 110 -7.09 -15.40 9.96
C MET B 110 -6.12 -14.23 10.02
N SER B 111 -5.10 -14.34 10.89
CA SER B 111 -4.07 -13.31 11.00
C SER B 111 -3.31 -13.11 9.70
N ARG B 112 -2.88 -14.19 9.04
CA ARG B 112 -2.16 -14.09 7.77
C ARG B 112 -3.05 -13.60 6.63
N PHE B 113 -4.13 -14.32 6.30
CA PHE B 113 -5.05 -13.99 5.21
C PHE B 113 -5.58 -12.58 5.25
N CYS B 114 -5.91 -12.06 6.44
CA CYS B 114 -6.44 -10.70 6.56
C CYS B 114 -5.38 -9.66 6.21
N SER B 115 -4.10 -9.90 6.58
CA SER B 115 -2.96 -9.04 6.23
C SER B 115 -2.74 -9.06 4.71
N ASN B 116 -2.92 -10.24 4.11
CA ASN B 116 -2.81 -10.46 2.66
C ASN B 116 -3.98 -9.80 1.92
N LEU B 117 -5.13 -9.72 2.59
CA LEU B 117 -6.34 -9.14 2.02
C LEU B 117 -6.52 -7.67 2.37
N CYS B 118 -5.65 -7.12 3.23
CA CYS B 118 -5.72 -5.72 3.67
C CYS B 118 -7.07 -5.45 4.39
N LEU B 119 -7.32 -6.24 5.44
CA LEU B 119 -8.56 -6.20 6.25
C LEU B 119 -8.36 -5.67 7.68
N PRO B 120 -9.27 -4.78 8.14
CA PRO B 120 -9.16 -4.21 9.50
C PRO B 120 -9.26 -5.18 10.65
N LYS B 121 -8.70 -4.81 11.81
CA LYS B 121 -8.68 -5.62 13.05
C LYS B 121 -10.06 -6.12 13.36
N GLN B 122 -11.06 -5.23 13.30
CA GLN B 122 -12.46 -5.53 13.60
C GLN B 122 -13.04 -6.60 12.65
N VAL B 123 -12.67 -6.54 11.35
CA VAL B 123 -13.09 -7.52 10.32
C VAL B 123 -12.46 -8.88 10.62
N GLN B 124 -11.14 -8.89 10.89
CA GLN B 124 -10.36 -10.07 11.25
C GLN B 124 -10.96 -10.72 12.48
N MET B 125 -11.19 -9.94 13.54
CA MET B 125 -11.74 -10.39 14.81
C MET B 125 -13.10 -11.06 14.70
N ALA B 126 -14.00 -10.46 13.89
CA ALA B 126 -15.35 -10.96 13.63
C ALA B 126 -15.28 -12.27 12.85
N ALA B 127 -14.42 -12.32 11.81
CA ALA B 127 -14.21 -13.51 10.98
C ALA B 127 -13.63 -14.66 11.80
N THR B 128 -12.73 -14.34 12.77
CA THR B 128 -12.16 -15.36 13.67
C THR B 128 -13.27 -15.84 14.60
N HIS B 129 -14.06 -14.92 15.18
CA HIS B 129 -15.18 -15.26 16.05
C HIS B 129 -16.18 -16.17 15.35
N ILE B 130 -16.54 -15.85 14.08
CA ILE B 130 -17.47 -16.62 13.24
C ILE B 130 -16.93 -18.03 13.08
N ALA B 131 -15.70 -18.16 12.55
CA ALA B 131 -15.00 -19.43 12.31
C ALA B 131 -14.95 -20.31 13.54
N ARG B 132 -14.61 -19.72 14.71
CA ARG B 132 -14.51 -20.43 15.97
C ARG B 132 -15.85 -20.92 16.47
N LYS B 133 -16.89 -20.04 16.47
CA LYS B 133 -18.25 -20.37 16.90
C LYS B 133 -18.86 -21.46 16.01
N ALA B 134 -18.58 -21.41 14.69
CA ALA B 134 -19.07 -22.37 13.69
C ALA B 134 -18.63 -23.79 14.06
N VAL B 135 -17.39 -23.93 14.54
CA VAL B 135 -16.80 -25.18 14.99
C VAL B 135 -17.49 -25.59 16.29
N GLU B 136 -17.57 -24.67 17.28
CA GLU B 136 -18.22 -24.89 18.57
C GLU B 136 -19.64 -25.45 18.43
N LEU B 137 -20.40 -24.95 17.43
CA LEU B 137 -21.78 -25.37 17.18
C LEU B 137 -21.87 -26.53 16.19
N ASP B 138 -20.69 -27.01 15.71
CA ASP B 138 -20.55 -28.10 14.74
C ASP B 138 -21.37 -27.82 13.47
N LEU B 139 -21.30 -26.59 12.99
CA LEU B 139 -22.01 -26.20 11.77
C LEU B 139 -21.21 -26.65 10.57
N VAL B 140 -19.89 -26.84 10.76
CA VAL B 140 -19.00 -27.18 9.68
C VAL B 140 -18.16 -28.47 9.97
N PRO B 141 -18.82 -29.67 10.00
CA PRO B 141 -18.06 -30.90 10.22
C PRO B 141 -17.45 -31.39 8.92
N GLY B 142 -16.27 -32.00 9.04
CA GLY B 142 -15.50 -32.55 7.92
C GLY B 142 -15.12 -31.52 6.86
N ARG B 143 -15.05 -30.24 7.31
CA ARG B 143 -14.72 -29.11 6.46
C ARG B 143 -13.32 -28.65 6.75
N SER B 144 -12.57 -28.44 5.65
CA SER B 144 -11.19 -27.93 5.63
C SER B 144 -11.15 -26.63 6.44
N PRO B 145 -10.35 -26.56 7.53
CA PRO B 145 -10.30 -25.33 8.34
C PRO B 145 -9.92 -24.05 7.58
N ILE B 146 -9.26 -24.21 6.40
CA ILE B 146 -8.84 -23.13 5.51
C ILE B 146 -10.08 -22.72 4.72
N SER B 147 -10.92 -23.69 4.32
CA SER B 147 -12.17 -23.40 3.61
C SER B 147 -13.18 -22.69 4.51
N VAL B 148 -13.15 -23.06 5.83
CA VAL B 148 -14.00 -22.45 6.87
C VAL B 148 -13.56 -21.00 7.11
N ALA B 149 -12.26 -20.79 7.24
CA ALA B 149 -11.68 -19.47 7.45
C ALA B 149 -11.98 -18.57 6.26
N ALA B 150 -11.86 -19.11 5.03
CA ALA B 150 -12.13 -18.38 3.79
C ALA B 150 -13.58 -17.91 3.76
N ALA B 151 -14.50 -18.80 4.13
CA ALA B 151 -15.93 -18.51 4.21
C ALA B 151 -16.21 -17.49 5.31
N ALA B 152 -15.53 -17.62 6.48
CA ALA B 152 -15.69 -16.72 7.62
C ALA B 152 -15.20 -15.31 7.27
N ILE B 153 -14.09 -15.21 6.49
CA ILE B 153 -13.51 -13.96 5.97
C ILE B 153 -14.51 -13.36 4.98
N TYR B 154 -15.01 -14.17 4.02
CA TYR B 154 -16.00 -13.72 3.05
C TYR B 154 -17.23 -13.17 3.76
N MET B 155 -17.79 -13.93 4.74
CA MET B 155 -18.95 -13.50 5.49
C MET B 155 -18.72 -12.18 6.23
N ALA B 156 -17.64 -12.09 7.05
CA ALA B 156 -17.32 -10.89 7.79
C ALA B 156 -17.04 -9.68 6.89
N SER B 157 -16.19 -9.84 5.82
CA SER B 157 -15.86 -8.77 4.86
C SER B 157 -17.08 -8.24 4.11
N GLN B 158 -18.04 -9.11 3.80
CA GLN B 158 -19.27 -8.74 3.11
C GLN B 158 -20.28 -7.97 4.01
N ALA B 159 -20.11 -8.09 5.34
CA ALA B 159 -20.94 -7.43 6.34
C ALA B 159 -20.30 -6.10 6.75
N SER B 160 -19.03 -5.89 6.35
CA SER B 160 -18.27 -4.68 6.65
C SER B 160 -18.10 -3.80 5.40
N ALA B 161 -17.52 -2.61 5.56
CA ALA B 161 -17.28 -1.69 4.44
C ALA B 161 -16.18 -2.21 3.52
N GLU B 162 -15.26 -3.02 4.07
CA GLU B 162 -14.10 -3.57 3.38
C GLU B 162 -14.49 -4.91 2.75
N LYS B 163 -15.37 -4.85 1.74
CA LYS B 163 -15.89 -6.04 1.07
C LYS B 163 -14.88 -6.70 0.17
N ARG B 164 -14.71 -8.04 0.35
CA ARG B 164 -13.81 -8.88 -0.44
C ARG B 164 -14.57 -9.92 -1.28
N THR B 165 -14.04 -10.23 -2.49
CA THR B 165 -14.63 -11.18 -3.42
C THR B 165 -14.19 -12.63 -3.21
N GLN B 166 -15.03 -13.56 -3.69
CA GLN B 166 -14.78 -14.99 -3.63
C GLN B 166 -13.43 -15.30 -4.28
N LYS B 167 -13.18 -14.74 -5.51
CA LYS B 167 -11.95 -14.95 -6.31
C LYS B 167 -10.71 -14.67 -5.52
N GLU B 168 -10.59 -13.43 -5.00
CA GLU B 168 -9.44 -12.97 -4.24
C GLU B 168 -9.26 -13.70 -2.91
N ILE B 169 -10.36 -14.07 -2.22
CA ILE B 169 -10.22 -14.84 -0.98
C ILE B 169 -9.63 -16.21 -1.32
N GLY B 170 -10.14 -16.82 -2.40
CA GLY B 170 -9.64 -18.08 -2.95
C GLY B 170 -8.17 -18.04 -3.27
N ASP B 171 -7.74 -16.94 -3.95
CA ASP B 171 -6.35 -16.68 -4.34
C ASP B 171 -5.43 -16.68 -3.12
N ILE B 172 -5.85 -15.97 -2.05
CA ILE B 172 -5.10 -15.80 -0.80
C ILE B 172 -5.11 -17.07 0.06
N ALA B 173 -6.25 -17.78 0.11
CA ALA B 173 -6.40 -18.99 0.90
C ALA B 173 -5.84 -20.23 0.21
N GLY B 174 -5.59 -20.13 -1.11
CA GLY B 174 -5.09 -21.21 -1.93
C GLY B 174 -6.08 -22.35 -2.12
N VAL B 175 -7.38 -22.01 -1.99
CA VAL B 175 -8.55 -22.89 -2.09
C VAL B 175 -9.39 -22.55 -3.33
N ALA B 176 -10.20 -23.50 -3.78
CA ALA B 176 -11.08 -23.28 -4.93
C ALA B 176 -12.34 -22.53 -4.50
N ASP B 177 -12.88 -21.68 -5.37
CA ASP B 177 -14.06 -20.87 -5.05
C ASP B 177 -15.23 -21.69 -4.58
N VAL B 178 -15.43 -22.88 -5.17
CA VAL B 178 -16.49 -23.82 -4.81
C VAL B 178 -16.44 -24.18 -3.35
N THR B 179 -15.23 -24.39 -2.82
CA THR B 179 -14.99 -24.77 -1.43
C THR B 179 -15.45 -23.66 -0.47
N ILE B 180 -15.19 -22.38 -0.83
CA ILE B 180 -15.59 -21.21 -0.03
C ILE B 180 -17.10 -21.17 0.01
N ARG B 181 -17.73 -21.23 -1.17
CA ARG B 181 -19.18 -21.24 -1.37
C ARG B 181 -19.81 -22.29 -0.47
N GLN B 182 -19.36 -23.55 -0.58
CA GLN B 182 -19.84 -24.71 0.17
C GLN B 182 -19.79 -24.50 1.67
N SER B 183 -18.62 -24.10 2.19
CA SER B 183 -18.41 -23.83 3.61
C SER B 183 -19.29 -22.66 4.07
N TYR B 184 -19.42 -21.62 3.22
CA TYR B 184 -20.25 -20.44 3.49
C TYR B 184 -21.72 -20.83 3.57
N ARG B 185 -22.16 -21.72 2.68
CA ARG B 185 -23.53 -22.20 2.64
C ARG B 185 -23.94 -22.84 3.95
N LEU B 186 -22.96 -23.45 4.65
CA LEU B 186 -23.15 -24.09 5.94
C LEU B 186 -23.30 -23.11 7.09
N ILE B 187 -22.54 -22.02 7.06
CA ILE B 187 -22.55 -21.01 8.12
C ILE B 187 -23.58 -19.91 7.86
N TYR B 188 -23.97 -19.67 6.57
CA TYR B 188 -24.96 -18.66 6.17
C TYR B 188 -26.25 -18.71 7.03
N PRO B 189 -26.88 -19.90 7.28
CA PRO B 189 -28.12 -19.91 8.08
C PRO B 189 -28.01 -19.37 9.48
N ARG B 190 -26.89 -19.60 10.16
CA ARG B 190 -26.73 -19.13 11.52
C ARG B 190 -25.92 -17.83 11.61
N ALA B 191 -25.76 -17.10 10.49
CA ALA B 191 -24.99 -15.83 10.43
C ALA B 191 -25.31 -14.84 11.56
N PRO B 192 -26.59 -14.55 11.95
CA PRO B 192 -26.84 -13.61 13.06
C PRO B 192 -26.24 -14.02 14.41
N ASP B 193 -26.27 -15.32 14.71
CA ASP B 193 -25.74 -15.91 15.94
C ASP B 193 -24.22 -15.96 15.90
N LEU B 194 -23.63 -16.19 14.71
CA LEU B 194 -22.18 -16.31 14.49
C LEU B 194 -21.37 -15.02 14.64
N PHE B 195 -21.97 -13.87 14.32
CA PHE B 195 -21.28 -12.60 14.43
C PHE B 195 -21.12 -12.17 15.89
N PRO B 196 -20.05 -11.39 16.24
CA PRO B 196 -19.97 -10.86 17.62
C PRO B 196 -21.09 -9.84 17.81
N THR B 197 -21.78 -9.87 18.97
CA THR B 197 -22.94 -9.01 19.34
C THR B 197 -22.77 -7.53 18.95
N ASP B 198 -21.68 -6.94 19.44
CA ASP B 198 -21.25 -5.57 19.25
C ASP B 198 -20.98 -5.15 17.78
N PHE B 199 -20.75 -6.14 16.84
CA PHE B 199 -20.44 -5.88 15.43
C PHE B 199 -21.36 -4.85 14.79
N LYS B 200 -20.73 -3.83 14.16
CA LYS B 200 -21.38 -2.72 13.45
C LYS B 200 -21.41 -3.02 11.95
N PHE B 201 -22.60 -3.39 11.46
CA PHE B 201 -22.85 -3.86 10.12
C PHE B 201 -23.00 -2.78 9.06
N ASP B 202 -22.21 -2.86 7.97
CA ASP B 202 -22.32 -1.98 6.80
C ASP B 202 -23.48 -2.51 5.93
N THR B 203 -23.60 -3.83 5.89
CA THR B 203 -24.65 -4.58 5.20
C THR B 203 -25.33 -5.39 6.29
N PRO B 204 -26.68 -5.25 6.46
CA PRO B 204 -27.36 -6.00 7.53
C PRO B 204 -27.24 -7.51 7.35
N VAL B 205 -27.27 -8.25 8.47
CA VAL B 205 -27.15 -9.71 8.51
C VAL B 205 -28.12 -10.39 7.56
N ASP B 206 -29.35 -9.84 7.45
CA ASP B 206 -30.41 -10.34 6.57
C ASP B 206 -30.04 -10.18 5.08
N LYS B 207 -29.56 -8.98 4.71
CA LYS B 207 -29.17 -8.64 3.34
C LYS B 207 -27.74 -9.11 2.97
N LEU B 208 -27.22 -10.13 3.66
CA LEU B 208 -25.91 -10.72 3.39
C LEU B 208 -26.02 -11.57 2.11
N PRO B 209 -24.94 -11.70 1.29
CA PRO B 209 -25.04 -12.48 0.03
C PRO B 209 -25.31 -13.96 0.20
N GLN B 210 -26.24 -14.51 -0.62
CA GLN B 210 -26.58 -15.93 -0.62
C GLN B 210 -25.78 -16.60 -1.73
N LEU B 211 -25.05 -17.67 -1.37
CA LEU B 211 -24.23 -18.41 -2.32
C LEU B 211 -24.75 -19.85 -2.50
N MET C 2 -9.05 -42.89 -17.77
CA MET C 2 -7.94 -43.29 -18.63
C MET C 2 -7.85 -42.47 -19.92
N SER C 3 -8.61 -41.35 -20.00
CA SER C 3 -8.64 -40.40 -21.13
C SER C 3 -7.26 -39.74 -21.29
N SER C 4 -6.91 -39.30 -22.52
CA SER C 4 -5.63 -38.63 -22.79
C SER C 4 -5.57 -37.28 -22.04
N SER C 5 -6.72 -36.59 -21.94
CA SER C 5 -6.89 -35.32 -21.22
C SER C 5 -6.84 -35.53 -19.69
N ASP C 6 -7.35 -36.68 -19.21
CA ASP C 6 -7.41 -37.06 -17.81
C ASP C 6 -6.09 -37.57 -17.31
N ARG C 7 -5.37 -38.35 -18.15
CA ARG C 7 -4.06 -38.88 -17.81
C ARG C 7 -3.07 -37.74 -17.61
N ALA C 8 -3.18 -36.68 -18.42
CA ALA C 8 -2.36 -35.46 -18.35
C ALA C 8 -2.50 -34.78 -16.99
N MET C 9 -3.77 -34.68 -16.53
CA MET C 9 -4.17 -34.09 -15.27
C MET C 9 -3.71 -34.89 -14.04
N MET C 10 -4.03 -36.19 -14.05
CA MET C 10 -3.71 -37.15 -12.99
C MET C 10 -2.22 -37.16 -12.74
N ASN C 11 -1.43 -37.14 -13.84
CA ASN C 11 0.04 -37.13 -13.84
C ASN C 11 0.59 -35.83 -13.35
N ALA C 12 -0.03 -34.68 -13.69
CA ALA C 12 0.44 -33.38 -13.23
C ALA C 12 0.33 -33.28 -11.70
N PHE C 13 -0.82 -33.70 -11.15
CA PHE C 13 -1.10 -33.68 -9.71
C PHE C 13 -0.22 -34.65 -8.96
N LYS C 14 0.03 -35.81 -9.57
CA LYS C 14 0.91 -36.86 -9.06
C LYS C 14 2.31 -36.30 -8.97
N GLU C 15 2.75 -35.53 -10.01
CA GLU C 15 4.06 -34.92 -10.10
C GLU C 15 4.25 -33.86 -9.01
N ILE C 16 3.21 -33.04 -8.79
CA ILE C 16 3.20 -32.00 -7.76
C ILE C 16 3.45 -32.65 -6.40
N THR C 17 2.70 -33.73 -6.09
CA THR C 17 2.81 -34.44 -4.83
C THR C 17 4.17 -35.12 -4.67
N THR C 18 4.68 -35.81 -5.71
CA THR C 18 5.98 -36.50 -5.63
C THR C 18 7.14 -35.49 -5.48
N MET C 19 6.98 -34.26 -5.96
CA MET C 19 8.00 -33.22 -5.82
C MET C 19 7.94 -32.65 -4.43
N ALA C 20 6.72 -32.38 -3.91
CA ALA C 20 6.44 -31.82 -2.59
C ALA C 20 6.94 -32.70 -1.46
N ASP C 21 6.79 -34.03 -1.58
CA ASP C 21 7.29 -34.94 -0.56
C ASP C 21 8.80 -35.02 -0.61
N ARG C 22 9.37 -34.85 -1.83
CA ARG C 22 10.82 -34.86 -2.07
C ARG C 22 11.55 -33.67 -1.39
N ILE C 23 10.83 -32.55 -1.14
CA ILE C 23 11.40 -31.38 -0.46
C ILE C 23 10.65 -31.09 0.86
N ASN C 24 10.01 -32.14 1.42
CA ASN C 24 9.29 -32.15 2.70
C ASN C 24 8.31 -30.97 2.90
N LEU C 25 7.44 -30.72 1.91
CA LEU C 25 6.47 -29.64 1.99
C LEU C 25 5.13 -30.10 2.59
N PRO C 26 4.38 -29.20 3.28
CA PRO C 26 3.09 -29.62 3.87
C PRO C 26 1.96 -29.77 2.84
N ARG C 27 0.81 -30.32 3.26
CA ARG C 27 -0.33 -30.51 2.37
C ARG C 27 -0.93 -29.19 1.87
N ASN C 28 -0.99 -28.16 2.74
CA ASN C 28 -1.52 -26.84 2.35
C ASN C 28 -0.81 -26.28 1.12
N ILE C 29 0.53 -26.50 1.04
CA ILE C 29 1.38 -26.07 -0.08
C ILE C 29 1.00 -26.85 -1.33
N VAL C 30 0.77 -28.18 -1.19
CA VAL C 30 0.35 -29.07 -2.28
C VAL C 30 -1.00 -28.60 -2.83
N ASP C 31 -1.96 -28.38 -1.92
CA ASP C 31 -3.31 -27.91 -2.25
C ASP C 31 -3.27 -26.59 -3.01
N ARG C 32 -2.47 -25.64 -2.52
CA ARG C 32 -2.29 -24.35 -3.15
C ARG C 32 -1.71 -24.52 -4.57
N THR C 33 -0.71 -25.42 -4.73
CA THR C 33 -0.04 -25.69 -6.01
C THR C 33 -1.04 -26.25 -7.04
N ASN C 34 -1.85 -27.26 -6.66
CA ASN C 34 -2.83 -27.90 -7.54
C ASN C 34 -3.80 -26.85 -8.02
N ASN C 35 -4.38 -26.08 -7.09
CA ASN C 35 -5.34 -25.02 -7.39
C ASN C 35 -4.76 -23.99 -8.38
N LEU C 36 -3.51 -23.53 -8.11
CA LEU C 36 -2.73 -22.59 -8.91
C LEU C 36 -2.49 -23.14 -10.30
N PHE C 37 -2.19 -24.46 -10.40
CA PHE C 37 -1.94 -25.18 -11.64
C PHE C 37 -3.20 -25.15 -12.47
N LYS C 38 -4.33 -25.67 -11.94
CA LYS C 38 -5.64 -25.69 -12.59
C LYS C 38 -5.93 -24.29 -13.20
N GLN C 39 -5.72 -23.26 -12.36
CA GLN C 39 -5.91 -21.87 -12.72
C GLN C 39 -5.09 -21.42 -13.91
N VAL C 40 -3.84 -21.87 -14.04
CA VAL C 40 -3.01 -21.33 -15.09
C VAL C 40 -2.68 -22.29 -16.28
N TYR C 41 -2.45 -23.59 -16.05
CA TYR C 41 -2.03 -24.59 -17.06
C TYR C 41 -2.67 -24.50 -18.45
N GLU C 42 -3.93 -24.07 -18.55
CA GLU C 42 -4.58 -24.01 -19.85
C GLU C 42 -4.25 -22.76 -20.65
N GLN C 43 -4.10 -21.62 -19.98
CA GLN C 43 -3.74 -20.28 -20.42
C GLN C 43 -3.01 -20.16 -21.75
N LYS C 44 -3.36 -19.09 -22.48
CA LYS C 44 -2.83 -18.61 -23.74
C LYS C 44 -1.29 -18.86 -23.86
N SER C 45 -0.49 -18.16 -23.03
CA SER C 45 0.98 -18.21 -22.96
C SER C 45 1.58 -19.59 -22.69
N LEU C 46 0.93 -20.37 -21.81
CA LEU C 46 1.37 -21.71 -21.42
C LEU C 46 0.92 -22.83 -22.40
N LYS C 47 0.56 -22.44 -23.64
CA LYS C 47 0.22 -23.40 -24.68
C LYS C 47 1.56 -23.88 -25.23
N GLY C 48 1.67 -25.21 -25.40
CA GLY C 48 2.87 -25.87 -25.89
C GLY C 48 3.91 -26.13 -24.81
N ARG C 49 3.81 -25.38 -23.69
CA ARG C 49 4.72 -25.49 -22.54
C ARG C 49 4.34 -26.76 -21.76
N ALA C 50 5.36 -27.57 -21.41
CA ALA C 50 5.25 -28.85 -20.70
C ALA C 50 4.53 -28.70 -19.37
N ASN C 51 3.54 -29.57 -19.10
CA ASN C 51 2.73 -29.58 -17.87
C ASN C 51 3.60 -29.75 -16.62
N ASP C 52 4.60 -30.62 -16.74
CA ASP C 52 5.61 -30.96 -15.76
C ASP C 52 6.33 -29.68 -15.29
N ALA C 53 6.70 -28.82 -16.25
CA ALA C 53 7.37 -27.54 -16.03
C ALA C 53 6.44 -26.52 -15.39
N ILE C 54 5.15 -26.49 -15.85
CA ILE C 54 4.12 -25.60 -15.31
C ILE C 54 3.97 -25.90 -13.81
N ALA C 55 3.75 -27.19 -13.46
CA ALA C 55 3.61 -27.70 -12.10
C ALA C 55 4.80 -27.32 -11.22
N SER C 56 6.04 -27.47 -11.74
CA SER C 56 7.28 -27.12 -11.03
C SER C 56 7.28 -25.63 -10.65
N ALA C 57 7.01 -24.76 -11.63
CA ALA C 57 6.94 -23.31 -11.44
C ALA C 57 5.81 -22.94 -10.44
N CYS C 58 4.64 -23.66 -10.52
CA CYS C 58 3.47 -23.48 -9.66
C CYS C 58 3.81 -23.80 -8.23
N LEU C 59 4.65 -24.83 -8.02
CA LEU C 59 5.11 -25.25 -6.70
C LEU C 59 5.98 -24.15 -6.07
N TYR C 60 6.93 -23.61 -6.86
CA TYR C 60 7.80 -22.54 -6.40
C TYR C 60 7.00 -21.30 -6.02
N ILE C 61 5.98 -20.96 -6.83
CA ILE C 61 5.10 -19.81 -6.60
C ILE C 61 4.35 -19.95 -5.28
N ALA C 62 3.67 -21.11 -5.07
CA ALA C 62 2.90 -21.46 -3.86
C ALA C 62 3.78 -21.33 -2.60
N CYS C 63 5.06 -21.71 -2.75
CA CYS C 63 6.07 -21.64 -1.71
C CYS C 63 6.37 -20.21 -1.37
N ARG C 64 6.69 -19.40 -2.41
CA ARG C 64 7.02 -17.98 -2.32
C ARG C 64 5.89 -17.24 -1.66
N GLN C 65 4.65 -17.47 -2.15
CA GLN C 65 3.38 -16.88 -1.73
C GLN C 65 3.16 -17.01 -0.23
N GLU C 66 3.35 -18.24 0.30
CA GLU C 66 3.10 -18.54 1.70
C GLU C 66 4.37 -18.52 2.57
N GLY C 67 5.41 -17.87 2.07
CA GLY C 67 6.67 -17.69 2.75
C GLY C 67 7.44 -18.89 3.22
N VAL C 68 7.41 -19.99 2.44
CA VAL C 68 8.17 -21.15 2.87
C VAL C 68 9.51 -21.12 2.18
N PRO C 69 10.56 -21.27 3.01
CA PRO C 69 11.92 -21.23 2.47
C PRO C 69 12.29 -22.50 1.71
N ARG C 70 12.05 -22.46 0.40
CA ARG C 70 12.30 -23.49 -0.59
C ARG C 70 12.73 -22.71 -1.83
N THR C 71 13.90 -23.05 -2.33
CA THR C 71 14.57 -22.34 -3.39
C THR C 71 14.27 -22.74 -4.82
N PHE C 72 14.37 -21.71 -5.70
CA PHE C 72 14.32 -21.90 -7.13
C PHE C 72 15.26 -23.02 -7.54
N LYS C 73 16.51 -23.05 -7.04
CA LYS C 73 17.49 -24.09 -7.38
C LYS C 73 17.05 -25.45 -6.83
N GLU C 74 16.51 -25.45 -5.59
CA GLU C 74 16.05 -26.61 -4.83
C GLU C 74 14.87 -27.34 -5.54
N ILE C 75 13.95 -26.57 -6.19
CA ILE C 75 12.78 -27.06 -6.93
C ILE C 75 13.22 -27.74 -8.23
N CYS C 76 14.04 -27.04 -9.05
CA CYS C 76 14.55 -27.54 -10.33
C CYS C 76 15.33 -28.83 -10.18
N ALA C 77 15.94 -29.00 -9.00
CA ALA C 77 16.69 -30.16 -8.59
C ALA C 77 15.77 -31.37 -8.45
N VAL C 78 14.60 -31.19 -7.80
CA VAL C 78 13.60 -32.24 -7.59
C VAL C 78 12.72 -32.45 -8.84
N SER C 79 12.83 -31.56 -9.83
CA SER C 79 12.08 -31.64 -11.07
C SER C 79 12.87 -32.31 -12.18
N ARG C 80 12.14 -32.92 -13.14
CA ARG C 80 12.67 -33.59 -14.32
C ARG C 80 12.98 -32.57 -15.44
N ILE C 81 12.59 -31.29 -15.21
CA ILE C 81 12.74 -30.20 -16.16
C ILE C 81 13.95 -29.30 -15.83
N SER C 82 14.49 -28.64 -16.88
CA SER C 82 15.61 -27.70 -16.81
C SER C 82 15.21 -26.43 -16.06
N LYS C 83 16.19 -25.74 -15.42
CA LYS C 83 15.95 -24.46 -14.74
C LYS C 83 15.52 -23.40 -15.77
N LYS C 84 15.96 -23.57 -17.03
CA LYS C 84 15.65 -22.69 -18.16
C LYS C 84 14.15 -22.73 -18.48
N GLU C 85 13.58 -23.94 -18.64
CA GLU C 85 12.16 -24.06 -18.94
C GLU C 85 11.30 -23.72 -17.74
N ILE C 86 11.67 -24.21 -16.52
CA ILE C 86 10.93 -23.90 -15.28
C ILE C 86 10.90 -22.38 -15.08
N GLY C 87 12.04 -21.74 -15.31
CA GLY C 87 12.18 -20.29 -15.22
C GLY C 87 11.27 -19.56 -16.18
N ARG C 88 11.28 -19.99 -17.46
CA ARG C 88 10.45 -19.40 -18.51
C ARG C 88 8.97 -19.52 -18.18
N CYS C 89 8.54 -20.71 -17.68
CA CYS C 89 7.17 -21.00 -17.25
C CYS C 89 6.78 -20.05 -16.11
N PHE C 90 7.65 -19.94 -15.11
CA PHE C 90 7.47 -19.09 -13.94
C PHE C 90 7.19 -17.63 -14.30
N LYS C 91 7.98 -17.04 -15.20
CA LYS C 91 7.81 -15.65 -15.59
C LYS C 91 6.46 -15.43 -16.30
N LEU C 92 6.05 -16.42 -17.13
CA LEU C 92 4.79 -16.40 -17.87
C LEU C 92 3.60 -16.42 -16.92
N ILE C 93 3.74 -17.21 -15.81
CA ILE C 93 2.72 -17.35 -14.77
C ILE C 93 2.58 -16.04 -14.01
N LEU C 94 3.69 -15.36 -13.68
CA LEU C 94 3.63 -14.06 -12.99
C LEU C 94 2.86 -13.03 -13.85
N LYS C 95 3.16 -13.01 -15.16
CA LYS C 95 2.49 -12.14 -16.11
C LYS C 95 0.96 -12.41 -16.07
N ALA C 96 0.59 -13.71 -15.98
CA ALA C 96 -0.81 -14.14 -15.89
C ALA C 96 -1.45 -13.68 -14.57
N LEU C 97 -0.72 -13.83 -13.47
CA LEU C 97 -1.17 -13.44 -12.12
C LEU C 97 -1.18 -11.95 -11.89
N GLU C 98 -0.79 -11.12 -12.88
CA GLU C 98 -0.90 -9.67 -12.70
C GLU C 98 -2.39 -9.25 -12.45
N THR C 99 -3.36 -10.08 -12.95
CA THR C 99 -4.81 -9.91 -12.82
C THR C 99 -5.32 -10.45 -11.47
N SER C 100 -4.40 -10.78 -10.54
CA SER C 100 -4.65 -11.35 -9.21
C SER C 100 -3.98 -10.57 -8.11
N VAL C 101 -4.47 -10.80 -6.89
CA VAL C 101 -4.01 -10.18 -5.65
C VAL C 101 -2.71 -10.85 -5.10
N ASP C 102 -2.41 -12.07 -5.56
CA ASP C 102 -1.24 -12.87 -5.13
C ASP C 102 0.03 -12.03 -5.15
N LEU C 103 0.86 -12.13 -4.07
CA LEU C 103 2.14 -11.42 -3.90
C LEU C 103 3.26 -12.41 -3.81
N ILE C 104 4.23 -12.37 -4.77
CA ILE C 104 5.34 -13.33 -4.77
C ILE C 104 6.77 -12.83 -5.13
N THR C 105 6.92 -11.80 -6.00
CA THR C 105 8.22 -11.36 -6.52
C THR C 105 9.17 -10.87 -5.45
N THR C 106 10.51 -10.93 -5.79
CA THR C 106 11.71 -10.43 -5.07
C THR C 106 11.36 -8.96 -4.83
N GLY C 107 10.66 -8.69 -3.72
CA GLY C 107 10.18 -7.34 -3.47
C GLY C 107 8.91 -6.89 -4.20
N ASP C 108 7.92 -7.79 -4.32
CA ASP C 108 6.57 -7.46 -4.84
C ASP C 108 5.95 -6.91 -3.58
N PHE C 109 6.31 -7.59 -2.47
CA PHE C 109 6.01 -7.38 -1.08
C PHE C 109 6.48 -6.02 -0.70
N MET C 110 7.73 -5.65 -1.09
CA MET C 110 8.30 -4.35 -0.78
C MET C 110 7.36 -3.25 -1.26
N SER C 111 6.90 -3.34 -2.52
CA SER C 111 5.98 -2.39 -3.08
C SER C 111 4.68 -2.30 -2.28
N ARG C 112 4.08 -3.45 -1.96
CA ARG C 112 2.84 -3.49 -1.20
C ARG C 112 3.03 -3.02 0.25
N PHE C 113 3.86 -3.73 1.03
CA PHE C 113 4.13 -3.45 2.44
C PHE C 113 4.50 -2.02 2.73
N CYS C 114 5.33 -1.38 1.88
CA CYS C 114 5.73 0.01 2.12
C CYS C 114 4.60 0.99 1.97
N SER C 115 3.72 0.74 1.00
CA SER C 115 2.52 1.55 0.78
C SER C 115 1.57 1.39 1.99
N ASN C 116 1.47 0.17 2.53
CA ASN C 116 0.67 -0.16 3.71
C ASN C 116 1.28 0.45 4.97
N LEU C 117 2.60 0.62 4.96
CA LEU C 117 3.33 1.19 6.09
C LEU C 117 3.53 2.68 5.98
N CYS C 118 3.13 3.29 4.84
CA CYS C 118 3.26 4.74 4.62
C CYS C 118 4.77 5.13 4.66
N LEU C 119 5.58 4.45 3.82
CA LEU C 119 7.01 4.65 3.73
C LEU C 119 7.49 5.31 2.42
N PRO C 120 8.43 6.28 2.49
CA PRO C 120 8.93 6.98 1.29
C PRO C 120 9.63 6.12 0.25
N LYS C 121 9.66 6.57 -1.01
CA LYS C 121 10.29 5.86 -2.15
C LYS C 121 11.69 5.42 -1.79
N GLN C 122 12.47 6.35 -1.21
CA GLN C 122 13.85 6.09 -0.81
C GLN C 122 13.96 4.97 0.23
N VAL C 123 13.01 4.91 1.20
CA VAL C 123 12.96 3.88 2.25
C VAL C 123 12.63 2.53 1.60
N GLN C 124 11.64 2.51 0.71
CA GLN C 124 11.23 1.32 -0.02
C GLN C 124 12.40 0.78 -0.84
N MET C 125 13.05 1.66 -1.61
CA MET C 125 14.17 1.32 -2.47
C MET C 125 15.34 0.69 -1.73
N ALA C 126 15.69 1.28 -0.57
CA ALA C 126 16.77 0.85 0.30
C ALA C 126 16.46 -0.51 0.89
N ALA C 127 15.20 -0.69 1.38
CA ALA C 127 14.74 -1.96 1.96
C ALA C 127 14.73 -3.09 0.93
N THR C 128 14.41 -2.76 -0.35
CA THR C 128 14.44 -3.73 -1.44
C THR C 128 15.89 -4.08 -1.70
N HIS C 129 16.76 -3.06 -1.81
CA HIS C 129 18.20 -3.25 -2.02
C HIS C 129 18.84 -4.13 -0.95
N ILE C 130 18.50 -3.88 0.34
CA ILE C 130 18.97 -4.65 1.48
C ILE C 130 18.56 -6.13 1.33
N ALA C 131 17.25 -6.39 1.16
CA ALA C 131 16.68 -7.72 1.00
C ALA C 131 17.33 -8.52 -0.12
N ARG C 132 17.56 -7.86 -1.28
CA ARG C 132 18.16 -8.46 -2.46
C ARG C 132 19.63 -8.80 -2.22
N LYS C 133 20.41 -7.84 -1.68
CA LYS C 133 21.83 -8.02 -1.38
C LYS C 133 22.06 -9.11 -0.33
N ALA C 134 21.17 -9.20 0.70
CA ALA C 134 21.21 -10.21 1.78
C ALA C 134 21.21 -11.62 1.21
N VAL C 135 20.40 -11.83 0.16
CA VAL C 135 20.28 -13.08 -0.58
C VAL C 135 21.57 -13.31 -1.36
N GLU C 136 22.02 -12.28 -2.13
CA GLU C 136 23.26 -12.31 -2.93
C GLU C 136 24.47 -12.73 -2.11
N LEU C 137 24.55 -12.27 -0.85
CA LEU C 137 25.65 -12.59 0.03
C LEU C 137 25.41 -13.83 0.88
N ASP C 138 24.23 -14.47 0.70
CA ASP C 138 23.78 -15.66 1.44
C ASP C 138 23.83 -15.43 2.95
N LEU C 139 23.35 -14.26 3.39
CA LEU C 139 23.34 -13.95 4.81
C LEU C 139 22.12 -14.61 5.44
N VAL C 140 21.11 -14.92 4.61
CA VAL C 140 19.87 -15.48 5.11
C VAL C 140 19.47 -16.80 4.44
N PRO C 141 20.22 -17.91 4.68
CA PRO C 141 19.81 -19.21 4.11
C PRO C 141 18.72 -19.85 4.96
N GLY C 142 17.81 -20.56 4.31
CA GLY C 142 16.70 -21.25 4.96
C GLY C 142 15.70 -20.33 5.65
N ARG C 143 15.70 -19.04 5.25
CA ARG C 143 14.83 -18.02 5.81
C ARG C 143 13.69 -17.65 4.89
N SER C 144 12.46 -17.50 5.47
CA SER C 144 11.24 -17.07 4.78
C SER C 144 11.49 -15.73 4.06
N PRO C 145 11.36 -15.65 2.72
CA PRO C 145 11.61 -14.37 2.02
C PRO C 145 10.73 -13.17 2.47
N ILE C 146 9.59 -13.46 3.12
CA ILE C 146 8.66 -12.47 3.67
C ILE C 146 9.25 -11.99 5.00
N SER C 147 9.86 -12.93 5.76
CA SER C 147 10.53 -12.59 7.02
C SER C 147 11.78 -11.75 6.77
N VAL C 148 12.46 -12.00 5.63
CA VAL C 148 13.65 -11.26 5.20
C VAL C 148 13.24 -9.85 4.80
N ALA C 149 12.16 -9.74 4.02
CA ALA C 149 11.62 -8.44 3.57
C ALA C 149 11.19 -7.60 4.77
N ALA C 150 10.51 -8.24 5.76
CA ALA C 150 10.05 -7.60 6.98
C ALA C 150 11.23 -7.02 7.75
N ALA C 151 12.32 -7.81 7.87
CA ALA C 151 13.55 -7.41 8.54
C ALA C 151 14.24 -6.27 7.76
N ALA C 152 14.23 -6.36 6.40
CA ALA C 152 14.82 -5.35 5.51
C ALA C 152 14.10 -4.01 5.63
N ILE C 153 12.73 -4.05 5.75
CA ILE C 153 11.86 -2.89 5.97
C ILE C 153 12.18 -2.31 7.35
N TYR C 154 12.21 -3.16 8.40
CA TYR C 154 12.58 -2.71 9.74
C TYR C 154 13.93 -2.02 9.75
N MET C 155 14.95 -2.65 9.14
CA MET C 155 16.29 -2.07 9.07
C MET C 155 16.32 -0.72 8.36
N ALA C 156 15.77 -0.65 7.14
CA ALA C 156 15.72 0.60 6.37
C ALA C 156 14.94 1.71 7.09
N SER C 157 13.71 1.42 7.61
CA SER C 157 12.87 2.38 8.33
C SER C 157 13.53 2.93 9.60
N GLN C 158 14.30 2.09 10.30
CA GLN C 158 15.01 2.49 11.52
C GLN C 158 16.24 3.39 11.25
N ALA C 159 16.75 3.36 9.98
CA ALA C 159 17.89 4.16 9.52
C ALA C 159 17.41 5.49 8.92
N SER C 160 16.09 5.60 8.69
CA SER C 160 15.44 6.78 8.11
C SER C 160 14.63 7.54 9.15
N ALA C 161 14.08 8.70 8.75
CA ALA C 161 13.26 9.53 9.66
C ALA C 161 11.91 8.89 9.95
N GLU C 162 11.41 8.07 9.00
CA GLU C 162 10.14 7.36 9.04
C GLU C 162 10.31 5.97 9.69
N LYS C 163 10.60 5.97 10.99
CA LYS C 163 10.85 4.76 11.77
C LYS C 163 9.56 3.96 12.03
N ARG C 164 9.64 2.64 11.73
CA ARG C 164 8.54 1.66 11.91
C ARG C 164 8.88 0.58 12.95
N THR C 165 7.85 0.14 13.70
CA THR C 165 7.99 -0.87 14.76
C THR C 165 7.86 -2.31 14.28
N GLN C 166 8.43 -3.24 15.05
CA GLN C 166 8.36 -4.67 14.79
C GLN C 166 6.90 -5.11 14.67
N LYS C 167 6.04 -4.68 15.64
CA LYS C 167 4.60 -5.01 15.71
C LYS C 167 3.88 -4.72 14.42
N GLU C 168 3.91 -3.46 14.01
CA GLU C 168 3.26 -2.99 12.79
C GLU C 168 3.82 -3.63 11.52
N ILE C 169 5.15 -3.86 11.44
CA ILE C 169 5.71 -4.53 10.26
C ILE C 169 5.15 -5.96 10.18
N GLY C 170 5.11 -6.64 11.34
CA GLY C 170 4.55 -7.96 11.51
C GLY C 170 3.10 -8.02 11.07
N ASP C 171 2.31 -7.03 11.50
CA ASP C 171 0.89 -6.87 11.17
C ASP C 171 0.68 -6.80 9.66
N ILE C 172 1.49 -5.98 8.97
CA ILE C 172 1.40 -5.74 7.54
C ILE C 172 1.95 -6.92 6.71
N ALA C 173 3.05 -7.57 7.20
CA ALA C 173 3.67 -8.71 6.52
C ALA C 173 2.94 -10.04 6.75
N GLY C 174 2.09 -10.07 7.79
CA GLY C 174 1.34 -11.26 8.21
C GLY C 174 2.23 -12.32 8.82
N VAL C 175 3.41 -11.91 9.34
CA VAL C 175 4.46 -12.73 9.96
C VAL C 175 4.54 -12.47 11.47
N ALA C 176 5.13 -13.42 12.21
CA ALA C 176 5.30 -13.27 13.65
C ALA C 176 6.52 -12.40 13.96
N ASP C 177 6.44 -11.60 15.02
CA ASP C 177 7.52 -10.69 15.38
C ASP C 177 8.85 -11.42 15.56
N VAL C 178 8.81 -12.63 16.12
CA VAL C 178 10.00 -13.47 16.34
C VAL C 178 10.75 -13.72 15.04
N THR C 179 10.00 -13.97 13.95
CA THR C 179 10.57 -14.23 12.65
C THR C 179 11.33 -13.01 12.10
N ILE C 180 10.79 -11.78 12.32
CA ILE C 180 11.43 -10.52 11.88
C ILE C 180 12.75 -10.39 12.61
N ARG C 181 12.69 -10.53 13.95
CA ARG C 181 13.82 -10.45 14.86
C ARG C 181 14.94 -11.35 14.38
N GLN C 182 14.63 -12.63 14.22
CA GLN C 182 15.54 -13.68 13.78
C GLN C 182 16.25 -13.36 12.48
N SER C 183 15.47 -13.01 11.45
CA SER C 183 15.98 -12.66 10.13
C SER C 183 16.83 -11.37 10.21
N TYR C 184 16.39 -10.38 11.03
CA TYR C 184 17.11 -9.12 11.25
C TYR C 184 18.45 -9.38 11.90
N ARG C 185 18.48 -10.31 12.89
CA ARG C 185 19.71 -10.68 13.60
C ARG C 185 20.78 -11.16 12.65
N LEU C 186 20.37 -11.78 11.54
CA LEU C 186 21.24 -12.31 10.50
C LEU C 186 21.81 -11.22 9.59
N ILE C 187 20.99 -10.20 9.26
CA ILE C 187 21.40 -9.12 8.37
C ILE C 187 22.05 -7.95 9.12
N TYR C 188 21.74 -7.79 10.44
CA TYR C 188 22.30 -6.74 11.28
C TYR C 188 23.82 -6.59 11.15
N PRO C 189 24.63 -7.68 11.22
CA PRO C 189 26.10 -7.51 11.15
C PRO C 189 26.62 -6.86 9.88
N ARG C 190 26.00 -7.16 8.75
CA ARG C 190 26.46 -6.60 7.49
C ARG C 190 25.67 -5.37 7.02
N ALA C 191 24.90 -4.74 7.94
CA ALA C 191 24.09 -3.56 7.64
C ALA C 191 24.81 -2.47 6.82
N PRO C 192 26.08 -2.06 7.10
CA PRO C 192 26.73 -1.02 6.28
C PRO C 192 26.90 -1.37 4.79
N ASP C 193 27.20 -2.65 4.52
CA ASP C 193 27.40 -3.19 3.18
C ASP C 193 26.06 -3.34 2.46
N LEU C 194 24.99 -3.69 3.21
CA LEU C 194 23.63 -3.93 2.70
C LEU C 194 22.89 -2.69 2.20
N PHE C 195 23.14 -1.52 2.79
CA PHE C 195 22.47 -0.29 2.38
C PHE C 195 23.01 0.23 1.02
N PRO C 196 22.15 0.95 0.24
CA PRO C 196 22.65 1.57 -1.01
C PRO C 196 23.59 2.71 -0.65
N THR C 197 24.70 2.83 -1.40
CA THR C 197 25.78 3.83 -1.23
C THR C 197 25.28 5.25 -0.91
N ASP C 198 24.44 5.78 -1.79
CA ASP C 198 23.81 7.09 -1.74
C ASP C 198 22.88 7.35 -0.53
N PHE C 199 22.42 6.29 0.20
CA PHE C 199 21.51 6.40 1.33
C PHE C 199 21.95 7.43 2.36
N LYS C 200 21.02 8.36 2.68
CA LYS C 200 21.12 9.47 3.63
C LYS C 200 20.53 9.02 4.98
N PHE C 201 21.41 8.71 5.94
CA PHE C 201 21.05 8.16 7.25
C PHE C 201 20.58 9.15 8.29
N ASP C 202 19.38 8.93 8.87
CA ASP C 202 18.84 9.73 9.98
C ASP C 202 19.51 9.23 11.28
N THR C 203 19.69 7.90 11.33
CA THR C 203 20.34 7.17 12.40
C THR C 203 21.53 6.50 11.74
N PRO C 204 22.76 6.72 12.24
CA PRO C 204 23.93 6.07 11.61
C PRO C 204 23.87 4.54 11.67
N VAL C 205 24.48 3.91 10.67
CA VAL C 205 24.51 2.46 10.52
C VAL C 205 24.98 1.74 11.80
N ASP C 206 25.94 2.35 12.51
CA ASP C 206 26.48 1.85 13.77
C ASP C 206 25.43 1.90 14.89
N LYS C 207 24.74 3.03 15.03
CA LYS C 207 23.73 3.24 16.07
C LYS C 207 22.33 2.65 15.69
N LEU C 208 22.29 1.65 14.79
CA LEU C 208 21.05 0.96 14.40
C LEU C 208 20.61 0.03 15.54
N PRO C 209 19.29 -0.23 15.73
CA PRO C 209 18.83 -1.09 16.85
C PRO C 209 19.26 -2.55 16.80
N GLN C 210 19.67 -3.09 17.94
CA GLN C 210 20.04 -4.50 18.05
C GLN C 210 18.84 -5.28 18.56
N LEU C 211 18.50 -6.38 17.87
CA LEU C 211 17.39 -7.27 18.27
C LEU C 211 17.86 -8.68 18.68
N MET D 2 15.56 43.36 5.99
CA MET D 2 16.65 44.35 5.88
C MET D 2 17.91 43.70 5.26
N SER D 3 18.34 42.53 5.81
CA SER D 3 19.48 41.72 5.33
C SER D 3 19.17 41.20 3.92
N SER D 4 20.20 40.91 3.12
CA SER D 4 20.04 40.38 1.76
C SER D 4 19.39 38.98 1.81
N SER D 5 19.75 38.18 2.84
CA SER D 5 19.23 36.84 3.12
C SER D 5 17.79 36.90 3.63
N ASP D 6 17.47 37.96 4.41
CA ASP D 6 16.15 38.19 5.01
C ASP D 6 15.17 38.76 4.02
N ARG D 7 15.63 39.67 3.14
CA ARG D 7 14.81 40.28 2.09
C ARG D 7 14.34 39.19 1.14
N ALA D 8 15.20 38.21 0.82
CA ALA D 8 14.91 37.06 -0.05
C ALA D 8 13.75 36.24 0.51
N MET D 9 13.79 36.01 1.84
CA MET D 9 12.81 35.25 2.60
C MET D 9 11.46 35.95 2.70
N MET D 10 11.49 37.23 3.13
CA MET D 10 10.33 38.09 3.30
C MET D 10 9.55 38.16 2.02
N ASN D 11 10.29 38.33 0.89
CA ASN D 11 9.74 38.43 -0.46
C ASN D 11 9.18 37.13 -0.95
N ALA D 12 9.81 35.99 -0.62
CA ALA D 12 9.33 34.67 -1.04
C ALA D 12 7.95 34.40 -0.42
N PHE D 13 7.84 34.65 0.90
CA PHE D 13 6.61 34.45 1.65
C PHE D 13 5.51 35.40 1.22
N LYS D 14 5.90 36.65 0.92
CA LYS D 14 5.03 37.70 0.42
C LYS D 14 4.47 37.24 -0.91
N GLU D 15 5.34 36.66 -1.78
CA GLU D 15 4.98 36.18 -3.11
C GLU D 15 4.01 35.02 -3.04
N ILE D 16 4.24 34.09 -2.10
CA ILE D 16 3.39 32.94 -1.85
C ILE D 16 1.97 33.44 -1.52
N THR D 17 1.87 34.40 -0.58
CA THR D 17 0.60 34.95 -0.14
C THR D 17 -0.11 35.71 -1.25
N THR D 18 0.60 36.59 -1.99
CA THR D 18 0.00 37.37 -3.08
C THR D 18 -0.48 36.47 -4.25
N MET D 19 0.16 35.29 -4.44
CA MET D 19 -0.25 34.34 -5.47
C MET D 19 -1.49 33.60 -5.01
N ALA D 20 -1.50 33.16 -3.74
CA ALA D 20 -2.58 32.41 -3.09
C ALA D 20 -3.89 33.19 -3.06
N ASP D 21 -3.83 34.50 -2.75
CA ASP D 21 -5.04 35.30 -2.75
C ASP D 21 -5.55 35.53 -4.15
N ARG D 22 -4.61 35.57 -5.13
CA ARG D 22 -4.90 35.75 -6.56
C ARG D 22 -5.70 34.57 -7.16
N ILE D 23 -5.59 33.37 -6.54
CA ILE D 23 -6.33 32.19 -7.00
C ILE D 23 -7.26 31.67 -5.89
N ASN D 24 -7.64 32.56 -4.95
CA ASN D 24 -8.57 32.34 -3.84
C ASN D 24 -8.30 31.06 -3.02
N LEU D 25 -7.05 30.88 -2.60
CA LEU D 25 -6.64 29.71 -1.80
C LEU D 25 -6.76 29.98 -0.29
N PRO D 26 -7.06 28.94 0.53
CA PRO D 26 -7.18 29.16 1.99
C PRO D 26 -5.82 29.33 2.68
N ARG D 27 -5.84 29.75 3.95
CA ARG D 27 -4.61 29.95 4.73
C ARG D 27 -3.85 28.65 4.96
N ASN D 28 -4.55 27.52 5.19
CA ASN D 28 -3.90 26.22 5.40
C ASN D 28 -2.96 25.86 4.24
N ILE D 29 -3.39 26.19 3.00
CA ILE D 29 -2.61 25.97 1.77
C ILE D 29 -1.37 26.88 1.77
N VAL D 30 -1.53 28.14 2.21
CA VAL D 30 -0.43 29.12 2.32
C VAL D 30 0.59 28.60 3.33
N ASP D 31 0.12 28.19 4.51
CA ASP D 31 0.94 27.65 5.59
C ASP D 31 1.74 26.45 5.13
N ARG D 32 1.07 25.52 4.42
CA ARG D 32 1.71 24.33 3.86
C ARG D 32 2.79 24.72 2.86
N THR D 33 2.52 25.73 2.01
CA THR D 33 3.45 26.20 0.99
C THR D 33 4.73 26.79 1.61
N ASN D 34 4.57 27.67 2.62
CA ASN D 34 5.69 28.32 3.32
C ASN D 34 6.57 27.24 3.93
N ASN D 35 5.96 26.32 4.69
CA ASN D 35 6.68 25.23 5.33
C ASN D 35 7.47 24.39 4.34
N LEU D 36 6.81 23.99 3.23
CA LEU D 36 7.36 23.23 2.10
C LEU D 36 8.53 23.95 1.46
N PHE D 37 8.41 25.31 1.30
CA PHE D 37 9.42 26.18 0.72
C PHE D 37 10.64 26.15 1.61
N LYS D 38 10.51 26.52 2.91
CA LYS D 38 11.58 26.50 3.92
C LYS D 38 12.35 25.17 3.81
N GLN D 39 11.59 24.06 3.78
CA GLN D 39 12.11 22.72 3.68
C GLN D 39 12.96 22.48 2.46
N VAL D 40 12.61 23.04 1.30
CA VAL D 40 13.33 22.71 0.08
C VAL D 40 14.26 23.82 -0.48
N TYR D 41 13.87 25.09 -0.47
CA TYR D 41 14.56 26.23 -1.09
C TYR D 41 16.10 26.25 -0.98
N GLU D 42 16.67 25.72 0.11
CA GLU D 42 18.12 25.76 0.26
C GLU D 42 18.84 24.66 -0.47
N GLN D 43 18.26 23.45 -0.50
CA GLN D 43 18.67 22.20 -1.15
C GLN D 43 19.65 22.31 -2.31
N LYS D 44 20.55 21.33 -2.37
CA LYS D 44 21.56 21.05 -3.39
C LYS D 44 21.09 21.42 -4.82
N SER D 45 20.07 20.70 -5.35
CA SER D 45 19.46 20.86 -6.69
C SER D 45 18.89 22.25 -6.98
N LEU D 46 18.26 22.86 -5.98
CA LEU D 46 17.64 24.18 -6.09
C LEU D 46 18.61 25.36 -5.85
N LYS D 47 19.92 25.09 -5.99
CA LYS D 47 20.92 26.14 -5.91
C LYS D 47 20.96 26.80 -7.29
N GLY D 48 20.96 28.13 -7.31
CA GLY D 48 20.96 28.92 -8.52
C GLY D 48 19.56 29.15 -9.08
N ARG D 49 18.61 28.26 -8.71
CA ARG D 49 17.21 28.35 -9.14
C ARG D 49 16.53 29.48 -8.37
N ALA D 50 15.78 30.35 -9.10
CA ALA D 50 15.06 31.53 -8.58
C ALA D 50 14.06 31.15 -7.48
N ASN D 51 14.10 31.88 -6.35
CA ASN D 51 13.24 31.66 -5.19
C ASN D 51 11.75 31.78 -5.54
N ASP D 52 11.43 32.74 -6.41
CA ASP D 52 10.12 33.07 -6.95
C ASP D 52 9.53 31.83 -7.62
N ALA D 53 10.37 31.11 -8.41
CA ALA D 53 10.03 29.87 -9.12
C ALA D 53 9.85 28.72 -8.16
N ILE D 54 10.72 28.63 -7.14
CA ILE D 54 10.66 27.58 -6.10
C ILE D 54 9.29 27.70 -5.41
N ALA D 55 8.95 28.93 -4.92
CA ALA D 55 7.69 29.26 -4.25
C ALA D 55 6.47 28.88 -5.10
N SER D 56 6.50 29.21 -6.41
CA SER D 56 5.42 28.88 -7.36
C SER D 56 5.19 27.37 -7.42
N ALA D 57 6.27 26.60 -7.62
CA ALA D 57 6.23 25.15 -7.67
C ALA D 57 5.74 24.55 -6.33
N CYS D 58 6.17 25.16 -5.19
CA CYS D 58 5.78 24.79 -3.82
C CYS D 58 4.30 24.97 -3.61
N LEU D 59 3.73 26.04 -4.19
CA LEU D 59 2.30 26.32 -4.09
C LEU D 59 1.50 25.23 -4.83
N TYR D 60 1.93 24.89 -6.06
CA TYR D 60 1.29 23.87 -6.85
C TYR D 60 1.31 22.52 -6.13
N ILE D 61 2.46 22.18 -5.51
CA ILE D 61 2.65 20.94 -4.77
C ILE D 61 1.66 20.86 -3.59
N ALA D 62 1.62 21.91 -2.73
CA ALA D 62 0.74 22.04 -1.57
C ALA D 62 -0.73 21.84 -1.96
N CYS D 63 -1.08 22.36 -3.16
CA CYS D 63 -2.40 22.25 -3.73
C CYS D 63 -2.71 20.81 -4.08
N ARG D 64 -1.79 20.18 -4.86
CA ARG D 64 -1.88 18.79 -5.31
C ARG D 64 -2.03 17.87 -4.12
N GLN D 65 -1.15 18.05 -3.11
CA GLN D 65 -1.05 17.31 -1.85
C GLN D 65 -2.37 17.24 -1.11
N GLU D 66 -3.04 18.41 -0.97
CA GLU D 66 -4.27 18.50 -0.20
C GLU D 66 -5.54 18.49 -1.10
N GLY D 67 -5.39 17.99 -2.32
CA GLY D 67 -6.45 17.81 -3.31
C GLY D 67 -7.26 19.02 -3.71
N VAL D 68 -6.61 20.21 -3.82
CA VAL D 68 -7.37 21.38 -4.24
C VAL D 68 -7.18 21.56 -5.72
N PRO D 69 -8.34 21.67 -6.41
CA PRO D 69 -8.31 21.81 -7.87
C PRO D 69 -7.85 23.21 -8.31
N ARG D 70 -6.54 23.31 -8.52
CA ARG D 70 -5.81 24.50 -8.92
C ARG D 70 -4.72 23.95 -9.83
N THR D 71 -4.70 24.44 -11.06
CA THR D 71 -3.90 23.97 -12.13
C THR D 71 -2.49 24.50 -12.28
N PHE D 72 -1.62 23.60 -12.81
CA PHE D 72 -0.29 23.96 -13.22
C PHE D 72 -0.32 25.21 -14.09
N LYS D 73 -1.24 25.30 -15.07
CA LYS D 73 -1.35 26.47 -15.96
C LYS D 73 -1.81 27.70 -15.19
N GLU D 74 -2.78 27.50 -14.26
CA GLU D 74 -3.41 28.52 -13.40
C GLU D 74 -2.38 29.20 -12.47
N ILE D 75 -1.40 28.42 -11.93
CA ILE D 75 -0.32 28.88 -11.04
C ILE D 75 0.69 29.74 -11.81
N CYS D 76 1.20 29.22 -12.93
CA CYS D 76 2.18 29.92 -13.78
C CYS D 76 1.68 31.23 -14.28
N ALA D 77 0.34 31.34 -14.42
CA ALA D 77 -0.39 32.52 -14.84
C ALA D 77 -0.30 33.61 -13.78
N VAL D 78 -0.48 33.24 -12.49
CA VAL D 78 -0.41 34.16 -11.35
C VAL D 78 1.06 34.43 -10.93
N SER D 79 2.01 33.67 -11.50
CA SER D 79 3.43 33.83 -11.22
C SER D 79 4.14 34.69 -12.26
N ARG D 80 5.25 35.33 -11.83
CA ARG D 80 6.11 36.17 -12.66
C ARG D 80 7.12 35.32 -13.47
N ILE D 81 7.15 34.02 -13.19
CA ILE D 81 8.06 33.06 -13.80
C ILE D 81 7.37 32.24 -14.93
N SER D 82 8.20 31.77 -15.87
CA SER D 82 7.83 30.94 -17.01
C SER D 82 7.39 29.55 -16.54
N LYS D 83 6.50 28.89 -17.32
CA LYS D 83 6.04 27.52 -17.03
C LYS D 83 7.23 26.55 -17.12
N LYS D 84 8.25 26.91 -17.95
CA LYS D 84 9.48 26.16 -18.19
C LYS D 84 10.31 26.08 -16.91
N GLU D 85 10.57 27.23 -16.27
CA GLU D 85 11.34 27.26 -15.03
C GLU D 85 10.54 26.69 -13.85
N ILE D 86 9.24 27.06 -13.72
CA ILE D 86 8.38 26.54 -12.64
C ILE D 86 8.31 25.02 -12.75
N GLY D 87 8.17 24.51 -13.97
CA GLY D 87 8.13 23.08 -14.27
C GLY D 87 9.41 22.39 -13.84
N ARG D 88 10.58 22.95 -14.23
CA ARG D 88 11.91 22.44 -13.89
C ARG D 88 12.12 22.37 -12.39
N CYS D 89 11.72 23.45 -11.68
CA CYS D 89 11.76 23.55 -10.21
C CYS D 89 10.91 22.46 -9.57
N PHE D 90 9.67 22.30 -10.06
CA PHE D 90 8.70 21.32 -9.59
C PHE D 90 9.24 19.89 -9.63
N LYS D 91 9.86 19.48 -10.75
CA LYS D 91 10.38 18.13 -10.92
C LYS D 91 11.52 17.89 -9.92
N LEU D 92 12.39 18.90 -9.71
CA LEU D 92 13.51 18.85 -8.76
C LEU D 92 13.03 18.68 -7.32
N ILE D 93 11.89 19.32 -6.99
CA ILE D 93 11.27 19.27 -5.66
C ILE D 93 10.69 17.86 -5.43
N LEU D 94 10.05 17.25 -6.45
CA LEU D 94 9.55 15.88 -6.32
C LEU D 94 10.69 14.92 -6.01
N LYS D 95 11.81 15.06 -6.73
CA LYS D 95 13.00 14.25 -6.52
C LYS D 95 13.47 14.40 -5.05
N ALA D 96 13.40 15.63 -4.50
CA ALA D 96 13.77 15.93 -3.12
C ALA D 96 12.80 15.27 -2.14
N LEU D 97 11.48 15.34 -2.45
CA LEU D 97 10.41 14.76 -1.63
C LEU D 97 10.31 13.23 -1.74
N GLU D 98 11.20 12.58 -2.52
CA GLU D 98 11.20 11.11 -2.56
C GLU D 98 11.52 10.54 -1.14
N THR D 99 12.25 11.32 -0.31
CA THR D 99 12.65 11.01 1.07
C THR D 99 11.51 11.31 2.05
N SER D 100 10.31 11.62 1.53
CA SER D 100 9.13 11.97 2.32
C SER D 100 7.93 11.11 1.97
N VAL D 101 6.96 11.13 2.89
CA VAL D 101 5.67 10.46 2.84
C VAL D 101 4.61 11.21 1.99
N ASP D 102 4.91 12.49 1.64
CA ASP D 102 4.02 13.33 0.82
C ASP D 102 3.65 12.60 -0.49
N LEU D 103 2.36 12.68 -0.88
CA LEU D 103 1.80 12.07 -2.10
C LEU D 103 1.26 13.15 -3.00
N ILE D 104 1.81 13.30 -4.23
CA ILE D 104 1.35 14.35 -5.16
C ILE D 104 1.21 14.01 -6.66
N THR D 105 2.04 13.11 -7.24
CA THR D 105 2.08 12.83 -8.68
C THR D 105 0.78 12.29 -9.23
N THR D 106 0.60 12.52 -10.59
CA THR D 106 -0.46 12.04 -11.51
C THR D 106 -0.44 10.52 -11.26
N GLY D 107 -1.20 10.06 -10.26
CA GLY D 107 -1.16 8.67 -9.90
C GLY D 107 0.01 8.20 -9.04
N ASP D 108 0.41 9.02 -8.06
CA ASP D 108 1.39 8.64 -7.00
C ASP D 108 0.47 7.90 -6.05
N PHE D 109 -0.74 8.49 -5.93
CA PHE D 109 -1.91 8.08 -5.20
C PHE D 109 -2.34 6.73 -5.67
N MET D 110 -2.38 6.51 -7.00
CA MET D 110 -2.76 5.22 -7.59
C MET D 110 -1.90 4.13 -7.02
N SER D 111 -0.57 4.34 -6.99
CA SER D 111 0.36 3.39 -6.44
C SER D 111 0.07 3.10 -4.98
N ARG D 112 -0.11 4.15 -4.17
CA ARG D 112 -0.38 3.99 -2.75
C ARG D 112 -1.76 3.37 -2.49
N PHE D 113 -2.84 4.04 -2.92
CA PHE D 113 -4.22 3.61 -2.72
C PHE D 113 -4.51 2.19 -3.14
N CYS D 114 -3.97 1.74 -4.28
CA CYS D 114 -4.21 0.36 -4.73
C CYS D 114 -3.58 -0.67 -3.83
N SER D 115 -2.37 -0.38 -3.30
CA SER D 115 -1.67 -1.24 -2.37
C SER D 115 -2.47 -1.30 -1.05
N ASN D 116 -3.05 -0.17 -0.63
CA ASN D 116 -3.88 -0.07 0.57
C ASN D 116 -5.22 -0.77 0.37
N LEU D 117 -5.67 -0.84 -0.90
CA LEU D 117 -6.93 -1.46 -1.25
C LEU D 117 -6.77 -2.90 -1.65
N CYS D 118 -5.53 -3.41 -1.74
CA CYS D 118 -5.27 -4.80 -2.10
C CYS D 118 -5.76 -5.09 -3.54
N LEU D 119 -5.32 -4.25 -4.50
CA LEU D 119 -5.73 -4.33 -5.89
C LEU D 119 -4.62 -4.78 -6.85
N PRO D 120 -4.96 -5.67 -7.82
CA PRO D 120 -3.95 -6.19 -8.78
C PRO D 120 -3.31 -5.13 -9.68
N LYS D 121 -2.07 -5.43 -10.19
CA LYS D 121 -1.31 -4.54 -11.08
C LYS D 121 -2.19 -4.03 -12.21
N GLN D 122 -2.93 -4.95 -12.86
CA GLN D 122 -3.80 -4.64 -13.96
C GLN D 122 -4.91 -3.65 -13.58
N VAL D 123 -5.48 -3.79 -12.36
CA VAL D 123 -6.52 -2.90 -11.85
C VAL D 123 -5.94 -1.51 -11.62
N GLN D 124 -4.76 -1.44 -10.98
CA GLN D 124 -4.01 -0.21 -10.71
C GLN D 124 -3.71 0.51 -12.02
N MET D 125 -3.14 -0.21 -12.99
CA MET D 125 -2.77 0.31 -14.31
C MET D 125 -3.93 0.92 -15.07
N ALA D 126 -5.09 0.22 -15.06
CA ALA D 126 -6.34 0.63 -15.72
C ALA D 126 -6.89 1.87 -15.06
N ALA D 127 -6.91 1.90 -13.70
CA ALA D 127 -7.40 3.04 -12.91
C ALA D 127 -6.53 4.27 -13.13
N THR D 128 -5.20 4.07 -13.31
CA THR D 128 -4.28 5.17 -13.61
C THR D 128 -4.59 5.69 -15.00
N HIS D 129 -4.71 4.76 -15.97
CA HIS D 129 -5.04 5.07 -17.36
C HIS D 129 -6.34 5.87 -17.47
N ILE D 130 -7.40 5.44 -16.73
CA ILE D 130 -8.71 6.10 -16.69
C ILE D 130 -8.54 7.54 -16.19
N ALA D 131 -7.95 7.71 -15.00
CA ALA D 131 -7.72 9.01 -14.37
C ALA D 131 -6.98 9.99 -15.29
N ARG D 132 -5.92 9.50 -15.95
CA ARG D 132 -5.10 10.29 -16.86
C ARG D 132 -5.87 10.70 -18.11
N LYS D 133 -6.56 9.74 -18.75
CA LYS D 133 -7.36 9.98 -19.95
C LYS D 133 -8.52 10.96 -19.67
N ALA D 134 -9.15 10.86 -18.47
CA ALA D 134 -10.26 11.72 -18.04
C ALA D 134 -9.87 13.20 -18.07
N VAL D 135 -8.63 13.47 -17.66
CA VAL D 135 -8.01 14.80 -17.66
C VAL D 135 -7.77 15.21 -19.11
N GLU D 136 -7.11 14.33 -19.91
CA GLU D 136 -6.80 14.53 -21.34
C GLU D 136 -8.04 14.93 -22.13
N LEU D 137 -9.19 14.32 -21.83
CA LEU D 137 -10.45 14.61 -22.52
C LEU D 137 -11.26 15.72 -21.86
N ASP D 138 -10.72 16.29 -20.75
CA ASP D 138 -11.35 17.36 -19.98
C ASP D 138 -12.77 16.96 -19.51
N LEU D 139 -12.89 15.71 -19.04
CA LEU D 139 -14.17 15.21 -18.56
C LEU D 139 -14.38 15.71 -17.14
N VAL D 140 -13.28 16.04 -16.45
CA VAL D 140 -13.32 16.43 -15.05
C VAL D 140 -12.60 17.77 -14.76
N PRO D 141 -13.15 18.90 -15.24
CA PRO D 141 -12.53 20.20 -14.93
C PRO D 141 -12.95 20.70 -13.55
N GLY D 142 -12.02 21.37 -12.86
CA GLY D 142 -12.22 21.92 -11.52
C GLY D 142 -12.51 20.87 -10.45
N ARG D 143 -12.11 19.62 -10.71
CA ARG D 143 -12.33 18.50 -9.81
C ARG D 143 -11.04 18.12 -9.10
N SER D 144 -11.14 17.81 -7.78
CA SER D 144 -10.02 17.38 -6.93
C SER D 144 -9.33 16.16 -7.56
N PRO D 145 -8.02 16.22 -7.91
CA PRO D 145 -7.36 15.06 -8.53
C PRO D 145 -7.38 13.75 -7.69
N ILE D 146 -7.60 13.87 -6.37
CA ILE D 146 -7.72 12.75 -5.43
C ILE D 146 -9.13 12.19 -5.57
N SER D 147 -10.13 13.06 -5.78
CA SER D 147 -11.51 12.62 -6.00
C SER D 147 -11.66 11.91 -7.36
N VAL D 148 -10.87 12.37 -8.36
CA VAL D 148 -10.84 11.79 -9.71
C VAL D 148 -10.20 10.40 -9.62
N ALA D 149 -9.05 10.29 -8.90
CA ALA D 149 -8.34 9.03 -8.69
C ALA D 149 -9.23 8.00 -7.98
N ALA D 150 -9.98 8.46 -6.94
CA ALA D 150 -10.91 7.63 -6.16
C ALA D 150 -12.01 7.08 -7.08
N ALA D 151 -12.57 7.93 -7.95
CA ALA D 151 -13.58 7.55 -8.91
C ALA D 151 -13.00 6.56 -9.95
N ALA D 152 -11.73 6.81 -10.39
CA ALA D 152 -11.03 5.98 -11.36
C ALA D 152 -10.78 4.58 -10.81
N ILE D 153 -10.42 4.51 -9.50
CA ILE D 153 -10.21 3.26 -8.75
C ILE D 153 -11.55 2.53 -8.66
N TYR D 154 -12.62 3.24 -8.23
CA TYR D 154 -13.97 2.67 -8.14
C TYR D 154 -14.39 2.09 -9.49
N MET D 155 -14.25 2.87 -10.58
CA MET D 155 -14.60 2.41 -11.92
C MET D 155 -13.83 1.16 -12.34
N ALA D 156 -12.48 1.19 -12.25
CA ALA D 156 -11.65 0.04 -12.62
C ALA D 156 -11.94 -1.20 -11.77
N SER D 157 -12.00 -1.06 -10.41
CA SER D 157 -12.29 -2.16 -9.48
C SER D 157 -13.66 -2.81 -9.72
N GLN D 158 -14.66 -2.01 -10.11
CA GLN D 158 -16.01 -2.49 -10.38
C GLN D 158 -16.13 -3.28 -11.71
N ALA D 159 -15.15 -3.07 -12.61
CA ALA D 159 -15.05 -3.71 -13.92
C ALA D 159 -14.19 -4.98 -13.82
N SER D 160 -13.48 -5.15 -12.69
CA SER D 160 -12.62 -6.31 -12.42
C SER D 160 -13.24 -7.23 -11.37
N ALA D 161 -12.60 -8.39 -11.11
CA ALA D 161 -13.09 -9.36 -10.13
C ALA D 161 -12.94 -8.87 -8.72
N GLU D 162 -11.94 -7.99 -8.50
CA GLU D 162 -11.56 -7.39 -7.22
C GLU D 162 -12.35 -6.08 -7.02
N LYS D 163 -13.67 -6.21 -6.86
CA LYS D 163 -14.59 -5.09 -6.67
C LYS D 163 -14.43 -4.42 -5.30
N ARG D 164 -14.30 -3.07 -5.32
CA ARG D 164 -14.17 -2.22 -4.13
C ARG D 164 -15.34 -1.25 -3.96
N THR D 165 -15.73 -0.99 -2.70
CA THR D 165 -16.86 -0.10 -2.36
C THR D 165 -16.48 1.38 -2.25
N GLN D 166 -17.48 2.25 -2.41
CA GLN D 166 -17.34 3.70 -2.25
C GLN D 166 -16.75 4.04 -0.89
N LYS D 167 -17.31 3.45 0.20
CA LYS D 167 -16.92 3.65 1.59
C LYS D 167 -15.44 3.46 1.79
N GLU D 168 -14.93 2.25 1.46
CA GLU D 168 -13.53 1.86 1.60
C GLU D 168 -12.60 2.69 0.72
N ILE D 169 -13.01 3.04 -0.52
CA ILE D 169 -12.17 3.89 -1.36
C ILE D 169 -12.02 5.27 -0.69
N GLY D 170 -13.15 5.81 -0.18
CA GLY D 170 -13.21 7.07 0.55
C GLY D 170 -12.30 7.06 1.77
N ASP D 171 -12.33 5.93 2.51
CA ASP D 171 -11.52 5.71 3.71
C ASP D 171 -10.04 5.80 3.38
N ILE D 172 -9.61 5.14 2.29
CA ILE D 172 -8.21 5.07 1.85
C ILE D 172 -7.75 6.36 1.19
N ALA D 173 -8.63 7.03 0.42
CA ALA D 173 -8.31 8.29 -0.27
C ALA D 173 -8.41 9.52 0.64
N GLY D 174 -9.07 9.37 1.80
CA GLY D 174 -9.30 10.44 2.76
C GLY D 174 -10.26 11.52 2.24
N VAL D 175 -11.14 11.12 1.28
CA VAL D 175 -12.14 11.97 0.63
C VAL D 175 -13.55 11.55 1.04
N ALA D 176 -14.54 12.47 0.84
CA ALA D 176 -15.93 12.18 1.15
C ALA D 176 -16.57 11.38 0.03
N ASP D 177 -17.46 10.43 0.39
CA ASP D 177 -18.10 9.56 -0.59
C ASP D 177 -18.78 10.34 -1.70
N VAL D 178 -19.43 11.48 -1.34
CA VAL D 178 -20.12 12.36 -2.29
C VAL D 178 -19.22 12.82 -3.42
N THR D 179 -17.97 13.15 -3.07
CA THR D 179 -16.96 13.62 -4.01
C THR D 179 -16.62 12.53 -5.04
N ILE D 180 -16.51 11.23 -4.59
CA ILE D 180 -16.21 10.08 -5.45
C ILE D 180 -17.35 9.94 -6.44
N ARG D 181 -18.60 9.90 -5.91
CA ARG D 181 -19.82 9.79 -6.67
C ARG D 181 -19.88 10.83 -7.78
N GLN D 182 -19.72 12.10 -7.41
CA GLN D 182 -19.75 13.24 -8.31
C GLN D 182 -18.74 13.14 -9.44
N SER D 183 -17.47 12.88 -9.09
CA SER D 183 -16.38 12.73 -10.05
C SER D 183 -16.65 11.50 -10.96
N TYR D 184 -17.16 10.38 -10.37
CA TYR D 184 -17.52 9.16 -11.11
C TYR D 184 -18.64 9.42 -12.11
N ARG D 185 -19.63 10.21 -11.70
CA ARG D 185 -20.76 10.58 -12.55
C ARG D 185 -20.31 11.27 -13.83
N LEU D 186 -19.18 11.99 -13.74
CA LEU D 186 -18.57 12.69 -14.86
C LEU D 186 -17.83 11.78 -15.82
N ILE D 187 -17.15 10.76 -15.30
CA ILE D 187 -16.37 9.83 -16.12
C ILE D 187 -17.21 8.64 -16.60
N TYR D 188 -18.31 8.30 -15.88
CA TYR D 188 -19.21 7.20 -16.23
C TYR D 188 -19.63 7.17 -17.71
N PRO D 189 -20.06 8.32 -18.32
CA PRO D 189 -20.49 8.27 -19.72
C PRO D 189 -19.43 7.83 -20.72
N ARG D 190 -18.18 8.20 -20.49
CA ARG D 190 -17.10 7.84 -21.41
C ARG D 190 -16.29 6.62 -20.97
N ALA D 191 -16.82 5.84 -20.02
CA ALA D 191 -16.16 4.64 -19.51
C ALA D 191 -15.54 3.71 -20.58
N PRO D 192 -16.22 3.38 -21.72
CA PRO D 192 -15.59 2.49 -22.72
C PRO D 192 -14.29 3.02 -23.34
N ASP D 193 -14.25 4.34 -23.58
CA ASP D 193 -13.12 5.06 -24.15
C ASP D 193 -11.99 5.19 -23.13
N LEU D 194 -12.36 5.37 -21.83
CA LEU D 194 -11.42 5.56 -20.71
C LEU D 194 -10.59 4.34 -20.32
N PHE D 195 -11.12 3.12 -20.48
CA PHE D 195 -10.39 1.92 -20.14
C PHE D 195 -9.29 1.59 -21.16
N PRO D 196 -8.18 0.93 -20.75
CA PRO D 196 -7.16 0.50 -21.71
C PRO D 196 -7.75 -0.60 -22.59
N THR D 197 -7.47 -0.55 -23.90
CA THR D 197 -7.97 -1.47 -24.95
C THR D 197 -7.96 -2.96 -24.54
N ASP D 198 -6.77 -3.43 -24.16
CA ASP D 198 -6.46 -4.79 -23.71
C ASP D 198 -7.22 -5.25 -22.44
N PHE D 199 -7.80 -4.33 -21.63
CA PHE D 199 -8.50 -4.65 -20.38
C PHE D 199 -9.52 -5.77 -20.53
N LYS D 200 -9.39 -6.79 -19.64
CA LYS D 200 -10.25 -7.98 -19.59
C LYS D 200 -11.30 -7.77 -18.49
N PHE D 201 -12.55 -7.51 -18.93
CA PHE D 201 -13.68 -7.15 -18.08
C PHE D 201 -14.39 -8.30 -17.38
N ASP D 202 -14.52 -8.24 -16.04
CA ASP D 202 -15.30 -9.21 -15.25
C ASP D 202 -16.78 -8.80 -15.36
N THR D 203 -17.03 -7.49 -15.39
CA THR D 203 -18.33 -6.86 -15.56
C THR D 203 -18.19 -6.02 -16.82
N PRO D 204 -19.07 -6.22 -17.83
CA PRO D 204 -18.95 -5.41 -19.06
C PRO D 204 -19.10 -3.90 -18.81
N VAL D 205 -18.44 -3.10 -19.64
CA VAL D 205 -18.44 -1.65 -19.57
C VAL D 205 -19.86 -1.05 -19.50
N ASP D 206 -20.80 -1.67 -20.24
CA ASP D 206 -22.21 -1.28 -20.27
C ASP D 206 -22.89 -1.54 -18.91
N LYS D 207 -22.69 -2.73 -18.33
CA LYS D 207 -23.29 -3.14 -17.07
C LYS D 207 -22.50 -2.63 -15.82
N LEU D 208 -21.75 -1.52 -15.97
CA LEU D 208 -21.01 -0.90 -14.87
C LEU D 208 -22.00 -0.15 -13.95
N PRO D 209 -21.70 0.00 -12.62
CA PRO D 209 -22.65 0.66 -11.70
C PRO D 209 -22.89 2.13 -11.93
N GLN D 210 -24.15 2.56 -11.88
CA GLN D 210 -24.50 3.96 -12.03
C GLN D 210 -24.62 4.58 -10.64
N LEU D 211 -23.93 5.72 -10.41
CA LEU D 211 -24.00 6.45 -9.12
C LEU D 211 -24.68 7.83 -9.27
S SO4 E . 12.91 21.65 13.58
O1 SO4 E . 13.13 22.42 14.81
O2 SO4 E . 12.94 20.20 13.88
O3 SO4 E . 13.98 21.98 12.65
O4 SO4 E . 11.60 22.01 13.00
S SO4 F . 12.61 23.05 20.99
O1 SO4 F . 12.13 21.68 20.94
O2 SO4 F . 13.90 23.10 21.68
O3 SO4 F . 11.65 23.92 21.70
O4 SO4 F . 12.76 23.52 19.63
S SO4 G . 9.99 10.82 16.81
O1 SO4 G . 9.39 11.73 17.77
O2 SO4 G . 11.34 10.45 17.23
O3 SO4 G . 9.21 9.57 16.73
O4 SO4 G . 10.01 11.56 15.53
S SO4 H . -15.02 12.25 20.90
O1 SO4 H . -15.45 11.17 21.79
O2 SO4 H . -14.55 13.39 21.70
O3 SO4 H . -16.14 12.70 20.07
O4 SO4 H . -13.96 11.75 20.00
S SO4 I . -13.85 8.25 27.83
O1 SO4 I . -14.60 7.35 28.71
O2 SO4 I . -12.47 8.37 28.28
O3 SO4 I . -14.45 9.59 27.89
O4 SO4 I . -13.90 7.68 26.45
S SO4 J . -21.91 -24.39 -6.91
O1 SO4 J . -22.70 -25.50 -6.38
O2 SO4 J . -20.66 -24.33 -6.15
O3 SO4 J . -22.61 -23.12 -6.77
O4 SO4 J . -21.60 -24.59 -8.32
S SO4 K . -18.47 -11.91 -5.01
O1 SO4 K . -17.36 -12.88 -5.22
O2 SO4 K . -18.26 -11.10 -3.81
O3 SO4 K . -19.74 -12.65 -4.90
O4 SO4 K . -18.52 -10.96 -6.12
S SO4 L . -13.34 -15.48 19.58
O1 SO4 L . -12.22 -16.16 20.22
O2 SO4 L . -13.99 -14.60 20.55
O3 SO4 L . -12.82 -14.70 18.44
O4 SO4 L . -14.31 -16.49 19.13
S SO4 M . -20.50 -12.34 21.57
O1 SO4 M . -19.52 -13.37 21.93
O2 SO4 M . -21.42 -12.15 22.67
O3 SO4 M . -21.25 -12.82 20.40
O4 SO4 M . -19.80 -11.07 21.28
S SO4 N . -15.62 -20.98 -9.96
O1 SO4 N . -14.66 -21.76 -9.14
O2 SO4 N . -15.97 -19.75 -9.24
O3 SO4 N . -16.83 -21.78 -10.19
O4 SO4 N . -15.03 -20.59 -11.24
S SO4 O . 10.46 -1.86 18.07
O1 SO4 O . 10.15 -0.99 19.21
O2 SO4 O . 11.47 -2.84 18.44
O3 SO4 O . 9.23 -2.56 17.68
O4 SO4 O . 10.96 -1.00 16.98
S SO4 P . 13.36 -13.96 20.87
O1 SO4 P . 14.32 -14.75 21.63
O2 SO4 P . 13.75 -12.54 20.94
O3 SO4 P . 12.05 -14.12 21.47
O4 SO4 P . 13.33 -14.41 19.46
S SO4 Q . 6.30 -11.75 20.22
O1 SO4 Q . 6.91 -12.28 21.45
O2 SO4 Q . 6.71 -12.59 19.08
O3 SO4 Q . 4.85 -11.79 20.31
O4 SO4 Q . 6.74 -10.35 20.06
S SO4 R . 15.43 -18.05 -4.28
O1 SO4 R . 14.46 -18.96 -3.67
O2 SO4 R . 16.45 -17.68 -3.29
O3 SO4 R . 14.73 -16.84 -4.71
O4 SO4 R . 16.08 -18.71 -5.41
S SO4 S . 19.30 -28.03 -15.25
O1 SO4 S . 20.61 -27.69 -14.68
O2 SO4 S . 18.33 -28.28 -14.18
O3 SO4 S . 18.87 -26.88 -16.07
O4 SO4 S . 19.44 -29.25 -16.08
S SO4 T . 18.28 -3.49 -6.20
O1 SO4 T . 18.95 -4.50 -5.36
O2 SO4 T . 19.25 -2.44 -6.55
O3 SO4 T . 17.15 -2.89 -5.46
O4 SO4 T . 17.79 -4.11 -7.43
S SO4 U . 25.12 -0.02 -4.45
O1 SO4 U . 25.50 -0.70 -3.20
O2 SO4 U . 26.31 0.50 -5.11
O3 SO4 U . 24.48 -0.98 -5.35
O4 SO4 U . 24.22 1.11 -4.16
S SO4 V . 3.19 -11.98 16.71
O1 SO4 V . 2.48 -11.99 18.00
O2 SO4 V . 4.55 -12.44 16.93
O3 SO4 V . 2.49 -12.86 15.76
O4 SO4 V . 3.18 -10.61 16.16
S SO4 W . -20.93 0.57 -3.55
O1 SO4 W . -20.12 -0.38 -4.33
O2 SO4 W . -20.15 1.34 -2.57
O3 SO4 W . -21.95 -0.21 -2.84
O4 SO4 W . -21.60 1.51 -4.47
S SO4 X . -25.48 12.69 -3.90
O1 SO4 X . -25.77 12.85 -2.47
O2 SO4 X . -24.11 13.10 -4.16
O3 SO4 X . -26.36 13.56 -4.68
O4 SO4 X . -25.67 11.28 -4.27
S SO4 Y . -1.38 5.87 -18.61
O1 SO4 Y . -1.62 5.27 -17.28
O2 SO4 Y . -0.01 6.39 -18.69
O3 SO4 Y . -1.56 4.85 -19.66
O4 SO4 Y . -2.33 6.96 -18.83
S SO4 Z . -18.35 10.63 4.05
O1 SO4 Z . -17.84 9.44 3.38
O2 SO4 Z . -17.25 11.33 4.71
O3 SO4 Z . -19.36 10.26 5.05
O4 SO4 Z . -18.98 11.51 3.04
S SO4 AA . -22.38 10.05 2.30
O1 SO4 AA . -22.10 10.00 3.74
O2 SO4 AA . -22.21 8.69 1.75
O3 SO4 AA . -21.47 11.01 1.65
O4 SO4 AA . -23.75 10.51 2.08
S SO4 BA . -2.89 19.61 -13.49
O1 SO4 BA . -2.97 20.27 -12.19
O2 SO4 BA . -2.04 18.39 -13.38
O3 SO4 BA . -4.23 19.21 -13.94
O4 SO4 BA . -2.31 20.55 -14.44
S SO4 CA . 5.15 31.38 -19.89
O1 SO4 CA . 4.48 31.44 -18.57
O2 SO4 CA . 6.10 30.26 -19.91
O3 SO4 CA . 4.16 31.14 -20.94
O4 SO4 CA . 5.86 32.63 -20.13
S SO4 DA . -4.99 2.17 -24.97
O1 SO4 DA . -3.90 3.05 -24.58
O2 SO4 DA . -4.86 0.91 -24.19
O3 SO4 DA . -4.86 1.86 -26.39
O4 SO4 DA . -6.28 2.85 -24.71
#